data_2WK6
#
_entry.id   2WK6
#
_cell.length_a   61.911
_cell.length_b   67.266
_cell.length_c   212.274
_cell.angle_alpha   90.00
_cell.angle_beta   90.00
_cell.angle_gamma   90.00
#
_symmetry.space_group_name_H-M   'P 21 21 21'
#
loop_
_entity.id
_entity.type
_entity.pdbx_description
1 polymer 'THYMIDINE PHOSPHORYLASE'
2 non-polymer 5-IODOURACIL
3 water water
#
_entity_poly.entity_id   1
_entity_poly.type   'polypeptide(L)'
_entity_poly.pdbx_seq_one_letter_code
;MAALMTPGTGAPPAPGDFSGEGSQGLPDPSPEPKQLPELIRMKRDGGRLSEADIRGFVAAVVNGSAQGAQIGAMLMAIRL
RGMDLEETSVLTQALAQSGQQLEWPEAWRQQLVDKHSTGGVGDKVSLVLAPALAACGCKVPMISGRGLGHTGGTLDKLES
IPGFNVIQSPEQMQVLLDQAGCCIVGQSEQLVPADGILYAARDVTATVDSLPLITASILSKKLVEGLSALVVDVKFGGAA
VFPNQEQARELAKTLVGVGASLGLRVAAALTAMDKPLGRCVGHALEVEEALLCMDGAGPPDLRDLVTTLGGALLWLSGHA
GTQAQGAARVAAALDDGSALGRFERMLAAQGVDPGLARALCSGSPAERRQLLPRAREQEELLAPADGTVELVRALPLALV
LHELGAGRSRAGEPLRLGVGAELLVDVGQRLRRGTPWLRVHRDGPALSGPQSRALQEALVLSDRAPFAAPSPFAELVLPP
QQ
;
_entity_poly.pdbx_strand_id   A,B
#
loop_
_chem_comp.id
_chem_comp.type
_chem_comp.name
_chem_comp.formula
IUR non-polymer 5-IODOURACIL 'C4 H3 I N2 O2'
#
# COMPACT_ATOMS: atom_id res chain seq x y z
N GLN A 35 -5.59 1.94 -15.66
CA GLN A 35 -5.91 1.08 -14.48
C GLN A 35 -4.97 1.36 -13.30
N LEU A 36 -5.47 1.11 -12.09
CA LEU A 36 -4.71 1.33 -10.86
C LEU A 36 -3.20 1.02 -10.89
N PRO A 37 -2.81 -0.22 -11.28
CA PRO A 37 -1.39 -0.57 -11.33
C PRO A 37 -0.53 0.39 -12.16
N GLU A 38 -1.08 0.86 -13.28
CA GLU A 38 -0.35 1.77 -14.15
C GLU A 38 -0.27 3.17 -13.51
N LEU A 39 -1.37 3.63 -12.95
CA LEU A 39 -1.37 4.93 -12.30
C LEU A 39 -0.34 4.92 -11.18
N ILE A 40 -0.34 3.84 -10.39
CA ILE A 40 0.59 3.75 -9.29
C ILE A 40 2.00 3.77 -9.81
N ARG A 41 2.21 3.05 -10.90
CA ARG A 41 3.51 2.91 -11.54
C ARG A 41 4.04 4.26 -12.02
N MET A 42 3.16 5.11 -12.55
CA MET A 42 3.59 6.41 -13.03
C MET A 42 4.11 7.24 -11.87
N LYS A 43 3.35 7.26 -10.78
CA LYS A 43 3.73 8.02 -9.61
C LYS A 43 5.01 7.44 -9.01
N ARG A 44 5.09 6.12 -8.98
CA ARG A 44 6.26 5.44 -8.45
C ARG A 44 7.51 5.95 -9.17
N ASP A 45 7.40 6.06 -10.49
CA ASP A 45 8.48 6.54 -11.35
C ASP A 45 8.72 8.04 -11.22
N GLY A 46 7.97 8.68 -10.34
CA GLY A 46 8.14 10.12 -10.15
C GLY A 46 7.49 10.96 -11.24
N GLY A 47 6.51 10.39 -11.92
CA GLY A 47 5.81 11.14 -12.96
C GLY A 47 4.59 11.79 -12.35
N ARG A 48 4.05 12.81 -13.00
CA ARG A 48 2.88 13.46 -12.46
C ARG A 48 1.63 12.76 -12.96
N LEU A 49 0.55 12.89 -12.21
CA LEU A 49 -0.72 12.28 -12.58
C LEU A 49 -1.58 13.35 -13.23
N SER A 50 -2.24 13.01 -14.34
CA SER A 50 -3.10 13.96 -15.02
C SER A 50 -4.36 14.12 -14.18
N GLU A 51 -5.23 15.05 -14.56
CA GLU A 51 -6.46 15.24 -13.80
C GLU A 51 -7.31 14.00 -13.86
N ALA A 52 -7.38 13.37 -15.03
CA ALA A 52 -8.19 12.17 -15.20
C ALA A 52 -7.66 11.03 -14.34
N ASP A 53 -6.34 10.91 -14.26
CA ASP A 53 -5.73 9.85 -13.46
C ASP A 53 -6.12 10.02 -11.99
N ILE A 54 -5.92 11.23 -11.48
CA ILE A 54 -6.25 11.52 -10.09
C ILE A 54 -7.73 11.25 -9.83
N ARG A 55 -8.59 11.87 -10.61
CA ARG A 55 -10.03 11.64 -10.45
C ARG A 55 -10.28 10.16 -10.62
N GLY A 56 -9.55 9.54 -11.54
CA GLY A 56 -9.71 8.11 -11.76
C GLY A 56 -9.42 7.38 -10.45
N PHE A 57 -8.23 7.61 -9.91
CA PHE A 57 -7.81 7.00 -8.66
C PHE A 57 -8.83 7.24 -7.55
N VAL A 58 -9.19 8.50 -7.35
CA VAL A 58 -10.15 8.82 -6.30
C VAL A 58 -11.48 8.09 -6.49
N ALA A 59 -11.96 8.00 -7.73
CA ALA A 59 -13.22 7.31 -7.97
C ALA A 59 -13.11 5.84 -7.56
N ALA A 60 -12.00 5.20 -7.95
CA ALA A 60 -11.76 3.79 -7.62
C ALA A 60 -11.74 3.56 -6.10
N VAL A 61 -11.17 4.51 -5.37
CA VAL A 61 -11.11 4.46 -3.92
C VAL A 61 -12.55 4.47 -3.39
N VAL A 62 -13.28 5.53 -3.75
CA VAL A 62 -14.66 5.71 -3.31
C VAL A 62 -15.62 4.58 -3.66
N ASN A 63 -15.58 4.10 -4.90
CA ASN A 63 -16.47 3.02 -5.31
C ASN A 63 -16.00 1.62 -4.89
N GLY A 64 -14.92 1.56 -4.12
CA GLY A 64 -14.40 0.29 -3.64
C GLY A 64 -13.67 -0.61 -4.60
N SER A 65 -13.46 -0.20 -5.83
CA SER A 65 -12.77 -1.06 -6.79
C SER A 65 -11.27 -1.13 -6.51
N ALA A 66 -10.72 -0.10 -5.86
CA ALA A 66 -9.30 -0.12 -5.52
C ALA A 66 -9.09 -0.97 -4.27
N GLN A 67 -8.10 -1.86 -4.31
CA GLN A 67 -7.83 -2.71 -3.13
C GLN A 67 -6.94 -1.98 -2.13
N GLY A 68 -6.87 -2.51 -0.91
CA GLY A 68 -6.04 -1.89 0.11
C GLY A 68 -4.59 -1.70 -0.33
N ALA A 69 -3.96 -2.77 -0.81
CA ALA A 69 -2.58 -2.71 -1.24
C ALA A 69 -2.34 -1.61 -2.28
N GLN A 70 -3.27 -1.44 -3.20
CA GLN A 70 -3.14 -0.41 -4.21
C GLN A 70 -3.22 0.97 -3.56
N ILE A 71 -4.10 1.13 -2.57
CA ILE A 71 -4.22 2.41 -1.89
C ILE A 71 -2.90 2.70 -1.17
N GLY A 72 -2.42 1.69 -0.43
CA GLY A 72 -1.16 1.83 0.28
C GLY A 72 -0.01 2.08 -0.67
N ALA A 73 0.04 1.34 -1.78
CA ALA A 73 1.11 1.53 -2.76
C ALA A 73 1.10 2.95 -3.28
N MET A 74 -0.06 3.43 -3.75
CA MET A 74 -0.17 4.80 -4.25
C MET A 74 0.18 5.84 -3.18
N LEU A 75 -0.28 5.66 -1.95
CA LEU A 75 0.01 6.61 -0.89
C LEU A 75 1.50 6.74 -0.63
N MET A 76 2.20 5.61 -0.69
CA MET A 76 3.63 5.59 -0.48
C MET A 76 4.36 6.23 -1.66
N ALA A 77 3.88 5.94 -2.87
CA ALA A 77 4.49 6.50 -4.06
C ALA A 77 4.44 8.02 -3.94
N ILE A 78 3.27 8.52 -3.56
CA ILE A 78 3.11 9.95 -3.39
C ILE A 78 4.01 10.44 -2.25
N ARG A 79 3.95 9.77 -1.10
CA ARG A 79 4.76 10.16 0.06
C ARG A 79 6.23 10.25 -0.30
N LEU A 80 6.69 9.34 -1.14
CA LEU A 80 8.09 9.32 -1.55
C LEU A 80 8.42 10.12 -2.82
N ARG A 81 7.49 10.22 -3.74
CA ARG A 81 7.76 10.98 -4.97
C ARG A 81 7.16 12.36 -5.00
N GLY A 82 6.04 12.55 -4.30
CA GLY A 82 5.42 13.85 -4.24
C GLY A 82 4.48 14.22 -5.37
N MET A 83 4.00 15.46 -5.30
CA MET A 83 3.10 15.99 -6.30
C MET A 83 3.36 17.48 -6.48
N ASP A 84 3.05 18.02 -7.66
CA ASP A 84 3.22 19.45 -7.88
C ASP A 84 1.93 20.12 -7.43
N LEU A 85 1.89 21.44 -7.49
CA LEU A 85 0.71 22.18 -7.06
C LEU A 85 -0.54 21.93 -7.89
N GLU A 86 -0.39 21.46 -9.13
CA GLU A 86 -1.55 21.19 -9.97
C GLU A 86 -2.14 19.83 -9.58
N GLU A 87 -1.29 18.83 -9.42
CA GLU A 87 -1.78 17.51 -9.02
C GLU A 87 -2.46 17.71 -7.67
N THR A 88 -1.72 18.31 -6.74
CA THR A 88 -2.22 18.58 -5.40
C THR A 88 -3.61 19.23 -5.46
N SER A 89 -3.72 20.33 -6.18
CA SER A 89 -5.00 21.00 -6.29
C SER A 89 -6.08 20.06 -6.85
N VAL A 90 -5.65 19.15 -7.73
CA VAL A 90 -6.59 18.22 -8.31
C VAL A 90 -7.05 17.16 -7.28
N LEU A 91 -6.13 16.70 -6.44
CA LEU A 91 -6.47 15.71 -5.40
C LEU A 91 -7.52 16.36 -4.50
N THR A 92 -7.29 17.62 -4.16
CA THR A 92 -8.19 18.38 -3.31
C THR A 92 -9.60 18.46 -3.89
N GLN A 93 -9.72 18.96 -5.12
CA GLN A 93 -11.03 19.07 -5.78
C GLN A 93 -11.68 17.69 -5.84
N ALA A 94 -10.88 16.67 -6.13
CA ALA A 94 -11.39 15.32 -6.24
C ALA A 94 -11.91 14.78 -4.89
N LEU A 95 -11.08 14.86 -3.85
CA LEU A 95 -11.52 14.38 -2.55
C LEU A 95 -12.74 15.18 -2.15
N ALA A 96 -12.70 16.48 -2.42
CA ALA A 96 -13.80 17.37 -2.08
C ALA A 96 -15.10 16.94 -2.79
N GLN A 97 -15.00 16.61 -4.07
CA GLN A 97 -16.16 16.23 -4.86
C GLN A 97 -16.57 14.76 -4.80
N SER A 98 -15.77 13.94 -4.14
CA SER A 98 -16.11 12.52 -4.02
C SER A 98 -17.44 12.38 -3.29
N GLY A 99 -17.83 13.45 -2.60
CA GLY A 99 -19.10 13.45 -1.88
C GLY A 99 -19.91 14.70 -2.19
N GLN A 100 -20.77 15.07 -1.25
CA GLN A 100 -21.63 16.25 -1.38
C GLN A 100 -20.96 17.58 -1.04
N GLN A 101 -21.60 18.64 -1.49
CA GLN A 101 -21.18 20.02 -1.26
C GLN A 101 -22.19 20.53 -0.23
N LEU A 102 -21.72 21.09 0.88
CA LEU A 102 -22.66 21.57 1.90
C LEU A 102 -23.29 22.92 1.58
N GLU A 103 -24.61 22.93 1.46
CA GLU A 103 -25.38 24.14 1.16
C GLU A 103 -26.01 24.67 2.42
N TRP A 104 -25.98 25.98 2.59
CA TRP A 104 -26.57 26.62 3.79
C TRP A 104 -27.39 27.84 3.49
N PRO A 105 -28.18 28.32 4.48
CA PRO A 105 -28.96 29.51 4.30
C PRO A 105 -27.99 30.62 4.04
N GLU A 106 -28.37 31.37 3.04
CA GLU A 106 -27.64 32.53 2.60
C GLU A 106 -27.62 33.52 3.72
N ALA A 107 -28.42 33.28 4.71
CA ALA A 107 -28.40 34.17 5.84
C ALA A 107 -27.23 33.76 6.70
N TRP A 108 -26.63 32.63 6.37
CA TRP A 108 -25.50 32.14 7.16
C TRP A 108 -24.15 32.42 6.49
N ARG A 109 -24.19 32.67 5.18
CA ARG A 109 -23.00 32.92 4.36
C ARG A 109 -21.78 33.49 5.07
N GLN A 110 -21.88 34.72 5.57
CA GLN A 110 -20.75 35.35 6.23
C GLN A 110 -20.52 34.86 7.66
N GLN A 111 -21.46 34.06 8.18
CA GLN A 111 -21.36 33.53 9.53
C GLN A 111 -20.54 32.24 9.57
N LEU A 112 -20.41 31.60 8.40
CA LEU A 112 -19.70 30.34 8.27
C LEU A 112 -18.18 30.41 8.35
N VAL A 113 -17.62 29.81 9.40
CA VAL A 113 -16.16 29.80 9.59
C VAL A 113 -15.72 28.48 10.22
N ASP A 114 -14.42 28.23 10.20
CA ASP A 114 -13.92 27.00 10.79
C ASP A 114 -12.42 27.13 10.95
N LYS A 115 -11.84 26.25 11.75
CA LYS A 115 -10.40 26.25 11.97
C LYS A 115 -10.02 24.79 11.97
N HIS A 116 -8.80 24.51 11.53
CA HIS A 116 -8.33 23.15 11.46
C HIS A 116 -6.90 23.14 11.93
N SER A 117 -6.51 22.06 12.60
CA SER A 117 -5.14 21.92 13.10
C SER A 117 -4.49 20.79 12.33
N THR A 118 -3.22 20.93 11.98
CA THR A 118 -2.55 19.84 11.27
C THR A 118 -2.32 18.67 12.21
N GLY A 119 -2.59 18.87 13.51
CA GLY A 119 -2.43 17.78 14.45
C GLY A 119 -1.27 17.88 15.42
N GLY A 120 -1.51 17.45 16.64
CA GLY A 120 -0.46 17.50 17.64
C GLY A 120 -0.78 16.68 18.86
N VAL A 121 -0.21 17.08 19.99
CA VAL A 121 -0.41 16.39 21.24
C VAL A 121 -1.05 17.35 22.23
N GLY A 122 -2.16 16.91 22.83
CA GLY A 122 -2.91 17.71 23.79
C GLY A 122 -3.62 18.84 23.10
N ASP A 123 -3.75 18.74 21.78
CA ASP A 123 -4.37 19.80 21.01
C ASP A 123 -5.90 19.68 20.90
N LYS A 124 -6.60 20.08 21.95
CA LYS A 124 -8.05 20.00 21.98
C LYS A 124 -8.66 21.40 21.73
N VAL A 125 -7.93 22.22 20.98
CA VAL A 125 -8.38 23.56 20.65
C VAL A 125 -9.74 23.55 19.98
N SER A 126 -9.90 22.68 18.99
CA SER A 126 -11.17 22.59 18.25
C SER A 126 -12.35 22.32 19.17
N LEU A 127 -12.10 21.58 20.25
CA LEU A 127 -13.17 21.26 21.18
C LEU A 127 -13.65 22.53 21.86
N VAL A 128 -12.75 23.51 21.97
CA VAL A 128 -13.10 24.76 22.61
C VAL A 128 -13.55 25.84 21.61
N LEU A 129 -12.81 25.98 20.53
CA LEU A 129 -13.10 27.00 19.53
C LEU A 129 -14.46 26.87 18.84
N ALA A 130 -14.81 25.65 18.44
CA ALA A 130 -16.08 25.43 17.77
C ALA A 130 -17.22 26.08 18.56
N PRO A 131 -17.41 25.69 19.83
CA PRO A 131 -18.48 26.28 20.64
C PRO A 131 -18.24 27.74 21.01
N ALA A 132 -16.98 28.15 21.15
CA ALA A 132 -16.68 29.54 21.49
C ALA A 132 -16.95 30.52 20.33
N LEU A 133 -17.03 30.00 19.11
CA LEU A 133 -17.29 30.82 17.95
C LEU A 133 -18.80 30.94 17.75
N ALA A 134 -19.48 29.80 17.82
CA ALA A 134 -20.93 29.71 17.66
C ALA A 134 -21.61 30.59 18.71
N ALA A 135 -20.84 30.99 19.71
CA ALA A 135 -21.35 31.83 20.78
C ALA A 135 -21.29 33.28 20.32
N CYS A 136 -20.39 33.55 19.38
CA CYS A 136 -20.22 34.87 18.82
C CYS A 136 -21.08 35.01 17.56
N GLY A 137 -22.05 34.10 17.43
CA GLY A 137 -22.96 34.10 16.30
C GLY A 137 -22.42 33.36 15.09
N CYS A 138 -21.14 33.01 15.14
CA CYS A 138 -20.52 32.31 14.03
C CYS A 138 -21.08 30.90 13.83
N LYS A 139 -21.13 30.46 12.58
CA LYS A 139 -21.63 29.14 12.21
C LYS A 139 -20.43 28.25 11.93
N VAL A 140 -20.34 27.12 12.63
CA VAL A 140 -19.19 26.25 12.43
C VAL A 140 -19.52 24.80 12.10
N PRO A 141 -19.54 24.47 10.79
CA PRO A 141 -19.83 23.11 10.33
C PRO A 141 -18.51 22.36 10.22
N MET A 142 -17.89 22.09 11.36
CA MET A 142 -16.58 21.45 11.39
C MET A 142 -16.52 19.96 11.08
N ILE A 143 -15.79 19.64 10.02
CA ILE A 143 -15.56 18.28 9.61
C ILE A 143 -14.10 18.07 9.96
N SER A 144 -13.80 17.25 10.96
CA SER A 144 -12.40 17.01 11.31
C SER A 144 -12.12 15.53 11.10
N GLY A 145 -11.11 15.02 11.78
CA GLY A 145 -10.79 13.61 11.60
C GLY A 145 -10.39 12.91 12.87
N ARG A 146 -10.00 11.66 12.72
CA ARG A 146 -9.56 10.85 13.84
C ARG A 146 -8.07 11.09 14.03
N GLY A 147 -7.41 10.25 14.80
CA GLY A 147 -5.98 10.40 15.01
C GLY A 147 -5.19 10.11 13.76
N LEU A 148 -4.03 10.73 13.63
CA LEU A 148 -3.19 10.53 12.47
C LEU A 148 -1.78 10.32 12.96
N GLY A 149 -1.28 9.09 12.82
CA GLY A 149 0.05 8.80 13.29
C GLY A 149 0.08 8.91 14.81
N HIS A 150 1.03 9.68 15.35
CA HIS A 150 1.11 9.85 16.78
C HIS A 150 0.24 10.99 17.31
N THR A 151 -0.36 11.78 16.40
CA THR A 151 -1.21 12.90 16.83
C THR A 151 -2.65 12.46 17.14
N GLY A 152 -3.32 13.20 18.00
CA GLY A 152 -4.68 12.87 18.36
C GLY A 152 -5.72 13.54 17.50
N GLY A 153 -6.82 12.85 17.26
CA GLY A 153 -7.88 13.39 16.44
C GLY A 153 -9.04 13.83 17.31
N THR A 154 -9.59 14.99 16.99
CA THR A 154 -10.69 15.51 17.77
C THR A 154 -11.91 14.61 17.72
N LEU A 155 -12.11 13.89 16.62
CA LEU A 155 -13.26 12.99 16.53
C LEU A 155 -13.13 11.84 17.53
N ASP A 156 -11.91 11.38 17.76
CA ASP A 156 -11.70 10.28 18.71
C ASP A 156 -11.86 10.81 20.13
N LYS A 157 -11.60 12.10 20.32
CA LYS A 157 -11.74 12.70 21.63
C LYS A 157 -13.22 12.82 21.97
N LEU A 158 -14.03 13.28 21.01
CA LEU A 158 -15.46 13.41 21.21
C LEU A 158 -16.11 12.05 21.43
N GLU A 159 -15.54 11.04 20.97
CA GLU A 159 -16.13 9.82 21.11
C GLU A 159 -15.94 9.27 22.48
N SER A 160 -15.20 9.95 23.29
CA SER A 160 -15.12 9.67 24.72
C SER A 160 -16.44 9.95 25.42
N ILE A 161 -17.19 10.91 24.90
CA ILE A 161 -18.47 11.26 25.49
C ILE A 161 -19.51 10.25 25.04
N PRO A 162 -20.19 9.61 26.00
CA PRO A 162 -21.20 8.61 25.67
C PRO A 162 -22.29 9.15 24.74
N GLY A 163 -22.52 8.41 23.67
CA GLY A 163 -23.56 8.78 22.72
C GLY A 163 -23.15 9.75 21.62
N PHE A 164 -21.97 10.37 21.75
CA PHE A 164 -21.58 11.30 20.72
C PHE A 164 -21.38 10.61 19.38
N ASN A 165 -22.14 11.03 18.38
CA ASN A 165 -22.00 10.43 17.05
C ASN A 165 -21.29 11.41 16.11
N VAL A 166 -20.12 10.99 15.62
CA VAL A 166 -19.33 11.83 14.73
C VAL A 166 -19.92 11.93 13.33
N ILE A 167 -20.65 10.90 12.92
CA ILE A 167 -21.25 10.91 11.60
C ILE A 167 -22.64 11.52 11.61
N GLN A 168 -22.79 12.62 10.89
CA GLN A 168 -24.04 13.35 10.76
C GLN A 168 -24.27 13.62 9.27
N SER A 169 -25.53 13.61 8.84
CA SER A 169 -25.86 13.87 7.45
C SER A 169 -25.78 15.37 7.17
N PRO A 170 -25.83 15.78 5.91
CA PRO A 170 -25.77 17.23 5.64
C PRO A 170 -27.01 17.92 6.20
N GLU A 171 -28.11 17.16 6.30
CA GLU A 171 -29.37 17.68 6.83
C GLU A 171 -29.24 17.94 8.33
N GLN A 172 -28.73 16.95 9.05
CA GLN A 172 -28.56 17.07 10.49
C GLN A 172 -27.58 18.20 10.79
N MET A 173 -26.51 18.29 10.00
CA MET A 173 -25.53 19.34 10.19
C MET A 173 -26.21 20.69 10.13
N GLN A 174 -27.19 20.84 9.25
CA GLN A 174 -27.87 22.12 9.14
C GLN A 174 -28.68 22.39 10.41
N VAL A 175 -29.32 21.35 10.93
CA VAL A 175 -30.11 21.49 12.16
C VAL A 175 -29.16 21.84 13.30
N LEU A 176 -28.00 21.20 13.29
CA LEU A 176 -26.99 21.43 14.30
C LEU A 176 -26.59 22.89 14.32
N LEU A 177 -26.29 23.45 13.15
CA LEU A 177 -25.89 24.86 13.10
C LEU A 177 -27.04 25.77 13.51
N ASP A 178 -28.26 25.34 13.20
CA ASP A 178 -29.44 26.11 13.56
C ASP A 178 -29.60 26.11 15.07
N GLN A 179 -29.44 24.93 15.69
CA GLN A 179 -29.60 24.83 17.13
C GLN A 179 -28.41 25.33 17.98
N ALA A 180 -27.26 24.69 17.86
CA ALA A 180 -26.10 25.09 18.64
C ALA A 180 -25.11 25.95 17.85
N GLY A 181 -25.36 25.94 16.54
CA GLY A 181 -24.56 26.67 15.57
C GLY A 181 -23.13 26.14 15.54
N CYS A 182 -23.06 24.92 16.06
CA CYS A 182 -21.89 24.11 16.25
C CYS A 182 -22.06 22.71 15.70
N CYS A 183 -20.96 22.08 15.43
CA CYS A 183 -21.05 20.73 14.96
C CYS A 183 -19.66 20.25 14.52
N ILE A 184 -19.25 19.09 15.04
CA ILE A 184 -17.96 18.49 14.70
C ILE A 184 -18.20 17.08 14.25
N VAL A 185 -18.16 16.93 12.94
CA VAL A 185 -18.44 15.66 12.35
C VAL A 185 -17.21 15.10 11.68
N GLY A 186 -17.34 13.90 11.13
CA GLY A 186 -16.23 13.28 10.46
C GLY A 186 -16.59 12.95 9.03
N GLN A 187 -15.60 12.47 8.28
CA GLN A 187 -15.80 12.08 6.89
C GLN A 187 -16.82 10.94 6.87
N SER A 188 -17.58 10.86 5.80
CA SER A 188 -18.60 9.82 5.66
C SER A 188 -18.87 9.56 4.20
N GLU A 189 -19.95 8.84 3.92
CA GLU A 189 -20.36 8.55 2.56
C GLU A 189 -20.76 9.84 1.83
N GLN A 190 -21.30 10.81 2.55
CA GLN A 190 -21.79 12.03 1.92
C GLN A 190 -20.78 13.18 1.98
N LEU A 191 -19.94 13.17 2.99
CA LEU A 191 -18.98 14.25 3.20
C LEU A 191 -17.57 13.73 3.01
N VAL A 192 -16.94 14.13 1.90
CA VAL A 192 -15.60 13.64 1.59
C VAL A 192 -15.38 12.19 2.03
N PRO A 193 -15.83 11.23 1.21
CA PRO A 193 -15.60 9.81 1.44
C PRO A 193 -14.18 9.44 1.04
N ALA A 194 -13.72 10.01 -0.07
CA ALA A 194 -12.39 9.72 -0.57
C ALA A 194 -11.36 10.02 0.50
N ASP A 195 -11.49 11.17 1.15
CA ASP A 195 -10.52 11.52 2.17
C ASP A 195 -10.68 10.59 3.39
N GLY A 196 -11.91 10.22 3.71
CA GLY A 196 -12.12 9.35 4.84
C GLY A 196 -11.31 8.08 4.69
N ILE A 197 -11.39 7.47 3.51
CA ILE A 197 -10.68 6.24 3.21
C ILE A 197 -9.17 6.40 3.21
N LEU A 198 -8.68 7.45 2.58
CA LEU A 198 -7.24 7.70 2.50
C LEU A 198 -6.65 8.10 3.84
N TYR A 199 -7.39 8.92 4.58
CA TYR A 199 -6.98 9.41 5.89
C TYR A 199 -6.69 8.21 6.81
N ALA A 200 -7.63 7.26 6.82
CA ALA A 200 -7.49 6.08 7.66
C ALA A 200 -6.32 5.20 7.20
N ALA A 201 -6.04 5.19 5.90
CA ALA A 201 -4.93 4.38 5.40
C ALA A 201 -3.60 5.08 5.69
N ARG A 202 -3.57 6.40 5.53
CA ARG A 202 -2.38 7.20 5.78
C ARG A 202 -1.91 7.07 7.22
N ASP A 203 -2.88 7.14 8.11
CA ASP A 203 -2.66 7.03 9.54
C ASP A 203 -1.75 5.86 9.87
N VAL A 204 -2.02 4.71 9.27
CA VAL A 204 -1.22 3.52 9.56
C VAL A 204 -0.33 2.98 8.46
N THR A 205 0.01 3.80 7.46
CA THR A 205 0.89 3.34 6.39
C THR A 205 2.11 4.24 6.29
N ALA A 206 2.30 5.07 7.31
CA ALA A 206 3.43 5.99 7.35
C ALA A 206 3.37 6.96 6.19
N THR A 207 2.16 7.38 5.85
CA THR A 207 1.99 8.35 4.78
C THR A 207 1.23 9.59 5.23
N VAL A 208 1.37 9.93 6.50
CA VAL A 208 0.71 11.10 7.03
C VAL A 208 1.44 12.38 6.62
N ASP A 209 2.75 12.39 6.86
CA ASP A 209 3.58 13.55 6.56
C ASP A 209 3.94 13.75 5.10
N SER A 210 2.93 14.09 4.31
CA SER A 210 3.06 14.33 2.88
C SER A 210 2.34 15.64 2.60
N LEU A 211 3.12 16.66 2.22
CA LEU A 211 2.59 17.98 1.93
C LEU A 211 1.30 17.93 1.10
N PRO A 212 1.35 17.33 -0.10
CA PRO A 212 0.16 17.25 -0.95
C PRO A 212 -1.00 16.44 -0.37
N LEU A 213 -0.73 15.40 0.40
CA LEU A 213 -1.81 14.61 0.99
C LEU A 213 -2.47 15.35 2.14
N ILE A 214 -1.66 16.07 2.91
CA ILE A 214 -2.23 16.82 4.02
C ILE A 214 -3.08 17.94 3.46
N THR A 215 -2.54 18.65 2.46
CA THR A 215 -3.19 19.78 1.81
C THR A 215 -4.55 19.43 1.20
N ALA A 216 -4.58 18.39 0.40
CA ALA A 216 -5.82 17.96 -0.22
C ALA A 216 -6.79 17.50 0.86
N SER A 217 -6.29 16.71 1.81
CA SER A 217 -7.12 16.18 2.88
C SER A 217 -7.76 17.27 3.71
N ILE A 218 -6.95 18.24 4.10
CA ILE A 218 -7.47 19.32 4.92
C ILE A 218 -8.42 20.24 4.16
N LEU A 219 -7.95 20.81 3.05
CA LEU A 219 -8.78 21.72 2.26
C LEU A 219 -10.07 21.09 1.73
N SER A 220 -10.00 19.82 1.30
CA SER A 220 -11.19 19.16 0.78
C SER A 220 -12.31 19.18 1.79
N LYS A 221 -11.96 18.96 3.06
CA LYS A 221 -12.96 18.98 4.12
C LYS A 221 -13.54 20.38 4.24
N LYS A 222 -12.66 21.36 4.30
CA LYS A 222 -13.11 22.73 4.44
C LYS A 222 -13.83 23.31 3.22
N LEU A 223 -13.43 22.92 2.02
CA LEU A 223 -14.06 23.41 0.81
C LEU A 223 -15.51 22.98 0.74
N VAL A 224 -15.78 21.76 1.17
CA VAL A 224 -17.11 21.19 1.17
C VAL A 224 -18.04 21.91 2.15
N GLU A 225 -17.45 22.62 3.11
CA GLU A 225 -18.21 23.33 4.13
C GLU A 225 -18.82 24.69 3.69
N GLY A 226 -18.35 25.24 2.58
CA GLY A 226 -18.88 26.52 2.12
C GLY A 226 -18.58 27.64 3.11
N LEU A 227 -17.34 27.66 3.60
CA LEU A 227 -16.90 28.65 4.58
C LEU A 227 -16.57 30.02 3.99
N SER A 228 -16.66 31.03 4.85
CA SER A 228 -16.37 32.42 4.50
C SER A 228 -14.90 32.67 4.85
N ALA A 229 -14.48 32.10 5.98
CA ALA A 229 -13.10 32.23 6.44
C ALA A 229 -12.68 30.88 7.03
N LEU A 230 -11.39 30.69 7.14
CA LEU A 230 -10.86 29.45 7.65
C LEU A 230 -9.46 29.71 8.18
N VAL A 231 -9.15 29.11 9.33
CA VAL A 231 -7.83 29.24 9.90
C VAL A 231 -7.28 27.86 10.17
N VAL A 232 -6.16 27.55 9.55
CA VAL A 232 -5.53 26.27 9.74
C VAL A 232 -4.35 26.40 10.67
N ASP A 233 -4.37 25.63 11.75
CA ASP A 233 -3.27 25.66 12.70
C ASP A 233 -2.24 24.65 12.27
N VAL A 234 -1.19 25.13 11.63
CA VAL A 234 -0.11 24.27 11.18
C VAL A 234 0.95 24.20 12.26
N LYS A 235 1.02 23.03 12.89
CA LYS A 235 1.99 22.80 13.95
C LYS A 235 3.40 22.70 13.40
N PHE A 236 4.38 22.91 14.27
CA PHE A 236 5.79 22.79 13.91
C PHE A 236 6.45 22.42 15.22
N GLY A 237 7.58 21.72 15.16
CA GLY A 237 8.23 21.36 16.40
C GLY A 237 8.27 19.86 16.64
N GLY A 238 8.77 19.50 17.83
CA GLY A 238 8.92 18.11 18.23
C GLY A 238 7.90 17.07 17.80
N ALA A 239 6.64 17.29 18.14
CA ALA A 239 5.59 16.32 17.81
C ALA A 239 4.67 16.73 16.65
N ALA A 240 5.11 17.68 15.84
CA ALA A 240 4.33 18.13 14.70
C ALA A 240 4.52 17.15 13.53
N VAL A 241 3.58 17.16 12.59
CA VAL A 241 3.67 16.30 11.41
C VAL A 241 5.00 16.65 10.74
N PHE A 242 5.26 17.94 10.67
CA PHE A 242 6.51 18.45 10.10
C PHE A 242 7.30 19.18 11.19
N PRO A 243 8.09 18.44 11.96
CA PRO A 243 8.90 19.01 13.03
C PRO A 243 9.62 20.26 12.53
N ASN A 244 10.34 20.06 11.43
CA ASN A 244 11.10 21.10 10.77
C ASN A 244 10.23 22.34 10.50
N GLN A 245 10.58 23.45 11.14
CA GLN A 245 9.84 24.69 10.97
C GLN A 245 9.70 25.13 9.52
N GLU A 246 10.77 24.94 8.74
CA GLU A 246 10.75 25.33 7.33
C GLU A 246 9.72 24.56 6.53
N GLN A 247 9.53 23.29 6.88
CA GLN A 247 8.54 22.47 6.19
C GLN A 247 7.16 22.87 6.69
N ALA A 248 7.06 23.25 7.96
CA ALA A 248 5.79 23.67 8.51
C ALA A 248 5.37 24.84 7.65
N ARG A 249 6.33 25.73 7.40
CA ARG A 249 6.07 26.89 6.55
C ARG A 249 5.60 26.51 5.16
N GLU A 250 6.33 25.61 4.49
CA GLU A 250 5.97 25.20 3.15
C GLU A 250 4.54 24.71 3.09
N LEU A 251 4.13 24.00 4.13
CA LEU A 251 2.78 23.48 4.23
C LEU A 251 1.82 24.66 4.42
N ALA A 252 2.16 25.54 5.35
CA ALA A 252 1.35 26.71 5.65
C ALA A 252 1.06 27.52 4.38
N LYS A 253 2.12 27.83 3.63
CA LYS A 253 2.00 28.60 2.39
C LYS A 253 1.19 27.85 1.34
N THR A 254 1.35 26.53 1.30
CA THR A 254 0.64 25.72 0.32
C THR A 254 -0.84 25.64 0.64
N LEU A 255 -1.17 25.38 1.90
CA LEU A 255 -2.55 25.29 2.34
C LEU A 255 -3.29 26.56 1.96
N VAL A 256 -2.64 27.68 2.23
CA VAL A 256 -3.21 28.99 1.96
C VAL A 256 -3.25 29.29 0.47
N GLY A 257 -2.18 28.94 -0.25
CA GLY A 257 -2.15 29.18 -1.68
C GLY A 257 -3.19 28.39 -2.45
N VAL A 258 -3.19 27.08 -2.27
CA VAL A 258 -4.13 26.21 -2.95
C VAL A 258 -5.55 26.55 -2.52
N GLY A 259 -5.71 26.82 -1.22
CA GLY A 259 -7.01 27.18 -0.71
C GLY A 259 -7.51 28.44 -1.38
N ALA A 260 -6.62 29.41 -1.51
CA ALA A 260 -6.98 30.66 -2.15
C ALA A 260 -7.34 30.39 -3.61
N SER A 261 -6.47 29.66 -4.30
CA SER A 261 -6.70 29.35 -5.71
C SER A 261 -8.00 28.59 -5.93
N LEU A 262 -8.50 27.93 -4.88
CA LEU A 262 -9.73 27.17 -4.98
C LEU A 262 -10.91 27.96 -4.41
N GLY A 263 -10.70 29.25 -4.18
CA GLY A 263 -11.75 30.11 -3.67
C GLY A 263 -12.08 30.13 -2.19
N LEU A 264 -11.09 29.94 -1.32
CA LEU A 264 -11.36 29.93 0.11
C LEU A 264 -10.50 30.96 0.84
N ARG A 265 -11.13 31.88 1.57
CA ARG A 265 -10.36 32.87 2.33
C ARG A 265 -9.69 32.03 3.43
N VAL A 266 -8.36 31.93 3.38
CA VAL A 266 -7.64 31.12 4.34
C VAL A 266 -6.40 31.77 4.92
N ALA A 267 -6.18 31.51 6.20
CA ALA A 267 -5.00 32.02 6.89
C ALA A 267 -4.42 30.82 7.61
N ALA A 268 -3.10 30.81 7.78
CA ALA A 268 -2.47 29.69 8.47
C ALA A 268 -1.68 30.23 9.63
N ALA A 269 -1.74 29.52 10.75
CA ALA A 269 -1.01 29.95 11.92
C ALA A 269 0.01 28.89 12.24
N LEU A 270 1.27 29.29 12.35
CA LEU A 270 2.35 28.37 12.69
C LEU A 270 2.44 28.38 14.22
N THR A 271 2.17 27.24 14.84
CA THR A 271 2.21 27.17 16.30
C THR A 271 3.06 26.03 16.83
N ALA A 272 3.78 26.32 17.90
CA ALA A 272 4.67 25.36 18.54
C ALA A 272 3.94 24.12 19.05
N MET A 273 4.61 22.98 18.92
CA MET A 273 4.05 21.70 19.35
C MET A 273 5.23 20.86 19.85
N ASP A 274 6.19 21.52 20.50
CA ASP A 274 7.38 20.85 21.06
C ASP A 274 6.96 20.20 22.35
N LYS A 275 6.07 20.88 23.05
CA LYS A 275 5.55 20.41 24.30
C LYS A 275 4.06 20.25 24.01
N PRO A 276 3.34 19.52 24.87
CA PRO A 276 1.91 19.35 24.61
C PRO A 276 1.18 20.65 24.90
N LEU A 277 -0.02 20.79 24.33
CA LEU A 277 -0.85 21.95 24.56
C LEU A 277 -1.71 21.56 25.77
N GLY A 278 -1.73 22.42 26.78
CA GLY A 278 -2.49 22.11 27.98
C GLY A 278 -1.67 21.15 28.82
N ARG A 279 -2.33 20.44 29.73
CA ARG A 279 -1.63 19.50 30.60
C ARG A 279 -2.14 18.07 30.38
N CYS A 280 -3.32 17.95 29.77
CA CYS A 280 -3.92 16.64 29.52
C CYS A 280 -3.76 16.13 28.08
N VAL A 281 -3.30 14.89 27.96
CA VAL A 281 -3.11 14.30 26.67
C VAL A 281 -3.91 13.03 26.58
N GLY A 282 -4.66 12.88 25.51
CA GLY A 282 -5.46 11.68 25.35
C GLY A 282 -6.76 11.93 24.63
N HIS A 283 -7.84 11.44 25.22
CA HIS A 283 -9.17 11.60 24.65
C HIS A 283 -10.14 12.02 25.76
N ALA A 284 -10.54 11.08 26.61
CA ALA A 284 -11.42 11.40 27.73
C ALA A 284 -10.79 12.56 28.50
N LEU A 285 -9.50 12.45 28.79
CA LEU A 285 -8.77 13.46 29.53
C LEU A 285 -8.76 14.84 28.87
N GLU A 286 -8.61 14.88 27.56
CA GLU A 286 -8.58 16.16 26.88
C GLU A 286 -9.97 16.79 26.83
N VAL A 287 -11.01 15.97 26.91
CA VAL A 287 -12.35 16.51 26.88
C VAL A 287 -12.62 17.28 28.17
N GLU A 288 -12.12 16.77 29.28
CA GLU A 288 -12.35 17.46 30.53
C GLU A 288 -11.52 18.73 30.60
N GLU A 289 -10.33 18.74 30.02
CA GLU A 289 -9.53 19.96 30.05
C GLU A 289 -10.20 20.98 29.13
N ALA A 290 -10.77 20.52 28.02
CA ALA A 290 -11.46 21.41 27.11
C ALA A 290 -12.59 22.06 27.90
N LEU A 291 -13.32 21.26 28.67
CA LEU A 291 -14.43 21.76 29.50
C LEU A 291 -13.89 22.75 30.55
N LEU A 292 -12.73 22.45 31.11
CA LEU A 292 -12.13 23.33 32.11
C LEU A 292 -11.84 24.67 31.44
N CYS A 293 -11.45 24.61 30.17
CA CYS A 293 -11.15 25.79 29.40
C CYS A 293 -12.41 26.59 29.15
N MET A 294 -13.48 25.87 28.82
CA MET A 294 -14.75 26.52 28.55
C MET A 294 -15.45 27.18 29.73
N ASP A 295 -15.10 26.83 30.96
CA ASP A 295 -15.76 27.56 32.02
C ASP A 295 -14.77 28.51 32.70
N GLY A 296 -13.97 29.15 31.84
CA GLY A 296 -13.00 30.16 32.25
C GLY A 296 -11.69 29.76 32.88
N ALA A 297 -11.44 28.47 33.07
CA ALA A 297 -10.20 28.08 33.70
C ALA A 297 -9.26 27.40 32.72
N GLY A 298 -8.41 26.52 33.23
CA GLY A 298 -7.49 25.81 32.37
C GLY A 298 -6.15 26.49 32.23
N PRO A 299 -5.16 25.78 31.70
CA PRO A 299 -3.81 26.31 31.51
C PRO A 299 -3.81 27.45 30.50
N PRO A 300 -2.92 28.44 30.68
CA PRO A 300 -2.80 29.61 29.79
C PRO A 300 -2.47 29.29 28.35
N ASP A 301 -1.58 28.33 28.10
CA ASP A 301 -1.23 28.02 26.73
C ASP A 301 -2.46 27.63 25.93
N LEU A 302 -3.34 26.84 26.54
CA LEU A 302 -4.56 26.36 25.89
C LEU A 302 -5.47 27.56 25.56
N ARG A 303 -5.77 28.35 26.58
CA ARG A 303 -6.63 29.52 26.42
C ARG A 303 -6.00 30.48 25.40
N ASP A 304 -4.68 30.61 25.43
CA ASP A 304 -3.98 31.48 24.51
C ASP A 304 -4.22 31.06 23.06
N LEU A 305 -3.85 29.82 22.75
CA LEU A 305 -4.05 29.32 21.39
C LEU A 305 -5.52 29.50 20.99
N VAL A 306 -6.45 29.16 21.87
CA VAL A 306 -7.87 29.29 21.53
C VAL A 306 -8.25 30.74 21.18
N THR A 307 -7.78 31.70 21.97
CA THR A 307 -8.11 33.09 21.72
C THR A 307 -7.39 33.70 20.53
N THR A 308 -6.16 33.26 20.28
CA THR A 308 -5.40 33.80 19.16
C THR A 308 -5.87 33.27 17.81
N LEU A 309 -6.21 31.99 17.74
CA LEU A 309 -6.70 31.44 16.49
C LEU A 309 -8.12 31.95 16.26
N GLY A 310 -8.94 31.93 17.31
CA GLY A 310 -10.30 32.43 17.18
C GLY A 310 -10.31 33.90 16.82
N GLY A 311 -9.46 34.68 17.51
CA GLY A 311 -9.39 36.09 17.23
C GLY A 311 -8.86 36.31 15.82
N ALA A 312 -7.98 35.42 15.36
CA ALA A 312 -7.44 35.54 14.02
C ALA A 312 -8.54 35.18 13.03
N LEU A 313 -9.35 34.21 13.44
CA LEU A 313 -10.46 33.74 12.62
C LEU A 313 -11.56 34.79 12.52
N LEU A 314 -11.91 35.42 13.64
CA LEU A 314 -12.95 36.44 13.62
C LEU A 314 -12.47 37.60 12.75
N TRP A 315 -11.18 37.89 12.84
CA TRP A 315 -10.61 38.95 12.02
C TRP A 315 -10.76 38.57 10.55
N LEU A 316 -10.25 37.40 10.18
CA LEU A 316 -10.29 36.89 8.82
C LEU A 316 -11.70 36.98 8.22
N SER A 317 -12.69 36.59 8.98
CA SER A 317 -14.08 36.62 8.52
C SER A 317 -14.72 38.02 8.59
N GLY A 318 -13.97 38.99 9.11
CA GLY A 318 -14.52 40.34 9.22
C GLY A 318 -15.39 40.59 10.43
N HIS A 319 -15.63 39.58 11.25
CA HIS A 319 -16.45 39.78 12.44
C HIS A 319 -15.78 40.64 13.50
N ALA A 320 -14.46 40.60 13.59
CA ALA A 320 -13.74 41.41 14.55
C ALA A 320 -12.85 42.38 13.80
N GLY A 321 -12.67 43.58 14.37
CA GLY A 321 -11.83 44.57 13.71
C GLY A 321 -10.36 44.22 13.69
N THR A 322 -9.86 43.73 14.82
CA THR A 322 -8.45 43.38 14.93
C THR A 322 -8.28 42.05 15.64
N GLN A 323 -7.05 41.54 15.65
CA GLN A 323 -6.70 40.29 16.31
C GLN A 323 -7.10 40.37 17.79
N ALA A 324 -6.67 41.45 18.44
CA ALA A 324 -6.95 41.68 19.84
C ALA A 324 -8.45 41.75 20.15
N GLN A 325 -9.22 42.42 19.28
CA GLN A 325 -10.65 42.51 19.52
C GLN A 325 -11.28 41.12 19.44
N GLY A 326 -10.97 40.39 18.37
CA GLY A 326 -11.50 39.05 18.20
C GLY A 326 -11.07 38.11 19.33
N ALA A 327 -9.82 38.22 19.75
CA ALA A 327 -9.31 37.39 20.84
C ALA A 327 -10.14 37.65 22.09
N ALA A 328 -10.36 38.93 22.39
CA ALA A 328 -11.12 39.34 23.56
C ALA A 328 -12.56 38.81 23.53
N ARG A 329 -13.16 38.81 22.35
CA ARG A 329 -14.52 38.31 22.25
C ARG A 329 -14.57 36.81 22.56
N VAL A 330 -13.63 36.07 21.97
CA VAL A 330 -13.59 34.64 22.20
C VAL A 330 -13.30 34.37 23.68
N ALA A 331 -12.35 35.12 24.23
CA ALA A 331 -11.99 34.99 25.65
C ALA A 331 -13.26 35.25 26.47
N ALA A 332 -14.00 36.26 26.07
CA ALA A 332 -15.24 36.62 26.75
C ALA A 332 -16.21 35.44 26.72
N ALA A 333 -16.19 34.68 25.63
CA ALA A 333 -17.06 33.53 25.46
C ALA A 333 -16.64 32.42 26.41
N LEU A 334 -15.36 32.37 26.74
CA LEU A 334 -14.85 31.36 27.65
C LEU A 334 -15.25 31.72 29.08
N ASP A 335 -15.28 33.02 29.36
CA ASP A 335 -15.66 33.49 30.70
C ASP A 335 -17.18 33.58 30.80
N ASP A 336 -17.81 34.00 29.71
CA ASP A 336 -19.28 34.15 29.64
C ASP A 336 -20.01 32.90 30.08
N GLY A 337 -19.58 31.76 29.56
CA GLY A 337 -20.22 30.50 29.84
C GLY A 337 -21.02 30.11 28.61
N SER A 338 -21.00 30.98 27.60
CA SER A 338 -21.74 30.74 26.37
C SER A 338 -21.06 29.73 25.46
N ALA A 339 -19.74 29.62 25.54
CA ALA A 339 -19.04 28.65 24.71
C ALA A 339 -19.51 27.30 25.22
N LEU A 340 -19.33 27.11 26.52
CA LEU A 340 -19.73 25.90 27.22
C LEU A 340 -21.19 25.56 26.89
N GLY A 341 -22.02 26.60 26.86
CA GLY A 341 -23.43 26.43 26.57
C GLY A 341 -23.66 25.94 25.16
N ARG A 342 -22.90 26.46 24.21
CA ARG A 342 -23.03 26.03 22.83
C ARG A 342 -22.54 24.60 22.76
N PHE A 343 -21.44 24.34 23.45
CA PHE A 343 -20.87 23.00 23.47
C PHE A 343 -21.90 22.00 23.98
N GLU A 344 -22.69 22.42 24.96
CA GLU A 344 -23.70 21.54 25.53
C GLU A 344 -24.75 21.19 24.49
N ARG A 345 -25.25 22.19 23.78
CA ARG A 345 -26.25 21.97 22.75
C ARG A 345 -25.73 21.05 21.66
N MET A 346 -24.46 21.25 21.30
CA MET A 346 -23.86 20.42 20.26
C MET A 346 -23.86 18.94 20.70
N LEU A 347 -23.39 18.68 21.91
CA LEU A 347 -23.35 17.32 22.43
C LEU A 347 -24.72 16.66 22.33
N ALA A 348 -25.75 17.38 22.77
CA ALA A 348 -27.11 16.87 22.74
C ALA A 348 -27.65 16.69 21.33
N ALA A 349 -27.25 17.57 20.42
CA ALA A 349 -27.71 17.51 19.04
C ALA A 349 -26.93 16.47 18.22
N GLN A 350 -25.80 15.99 18.75
CA GLN A 350 -25.05 14.98 18.02
C GLN A 350 -25.15 13.59 18.67
N GLY A 351 -26.15 13.42 19.52
CA GLY A 351 -26.38 12.11 20.13
C GLY A 351 -26.24 11.93 21.63
N VAL A 352 -25.50 12.81 22.29
CA VAL A 352 -25.32 12.71 23.72
C VAL A 352 -26.63 13.00 24.44
N ASP A 353 -26.97 12.15 25.40
CA ASP A 353 -28.19 12.33 26.18
C ASP A 353 -28.14 13.71 26.83
N PRO A 354 -29.22 14.49 26.67
CA PRO A 354 -29.28 15.84 27.24
C PRO A 354 -28.76 15.93 28.67
N GLY A 355 -29.18 14.97 29.49
CA GLY A 355 -28.76 14.92 30.88
C GLY A 355 -27.27 14.81 31.06
N LEU A 356 -26.62 13.96 30.26
CA LEU A 356 -25.18 13.78 30.33
C LEU A 356 -24.50 15.05 29.81
N ALA A 357 -25.14 15.69 28.85
CA ALA A 357 -24.61 16.91 28.27
C ALA A 357 -24.64 18.00 29.32
N ARG A 358 -25.75 18.09 30.05
CA ARG A 358 -25.87 19.10 31.09
C ARG A 358 -24.90 18.84 32.24
N ALA A 359 -24.62 17.56 32.49
CA ALA A 359 -23.71 17.20 33.57
C ALA A 359 -22.24 17.46 33.22
N LEU A 360 -21.86 17.20 31.97
CA LEU A 360 -20.48 17.42 31.58
C LEU A 360 -20.16 18.90 31.69
N CYS A 361 -21.10 19.72 31.22
CA CYS A 361 -20.90 21.16 31.25
C CYS A 361 -21.19 21.78 32.60
N SER A 362 -22.13 21.21 33.34
CA SER A 362 -22.48 21.74 34.65
C SER A 362 -21.62 21.13 35.76
N GLY A 363 -21.03 19.97 35.49
CA GLY A 363 -20.22 19.31 36.49
C GLY A 363 -18.86 19.92 36.75
N SER A 364 -18.30 19.55 37.90
CA SER A 364 -16.97 20.01 38.30
C SER A 364 -15.96 19.07 37.67
N PRO A 365 -14.68 19.46 37.65
CA PRO A 365 -13.65 18.60 37.05
C PRO A 365 -13.80 17.12 37.44
N ALA A 366 -13.93 16.86 38.74
CA ALA A 366 -14.07 15.49 39.23
C ALA A 366 -15.30 14.78 38.68
N GLU A 367 -16.42 15.49 38.60
CA GLU A 367 -17.66 14.91 38.10
C GLU A 367 -17.55 14.57 36.63
N ARG A 368 -16.85 15.43 35.88
CA ARG A 368 -16.67 15.20 34.45
C ARG A 368 -15.79 13.98 34.28
N ARG A 369 -14.74 13.93 35.08
CA ARG A 369 -13.78 12.84 35.05
C ARG A 369 -14.48 11.51 35.30
N GLN A 370 -15.53 11.50 36.12
CA GLN A 370 -16.25 10.27 36.41
C GLN A 370 -17.24 9.86 35.30
N LEU A 371 -17.81 10.86 34.62
CA LEU A 371 -18.76 10.59 33.56
C LEU A 371 -18.05 10.22 32.26
N LEU A 372 -16.74 10.41 32.23
CA LEU A 372 -15.97 10.07 31.04
C LEU A 372 -15.13 8.81 31.27
N PRO A 373 -14.77 8.12 30.18
CA PRO A 373 -13.98 6.90 30.32
C PRO A 373 -12.74 7.13 31.18
N ARG A 374 -12.39 6.12 31.99
CA ARG A 374 -11.23 6.21 32.85
C ARG A 374 -10.29 5.01 32.67
N ALA A 375 -8.99 5.29 32.62
CA ALA A 375 -8.02 4.22 32.48
C ALA A 375 -8.11 3.39 33.77
N ARG A 376 -7.62 2.16 33.71
CA ARG A 376 -7.67 1.25 34.84
C ARG A 376 -6.61 1.57 35.91
N GLU A 377 -5.42 1.99 35.47
CA GLU A 377 -4.35 2.30 36.42
C GLU A 377 -3.73 3.69 36.23
N GLN A 378 -3.39 4.31 37.36
CA GLN A 378 -2.75 5.64 37.37
C GLN A 378 -1.33 5.46 37.88
N GLU A 379 -0.35 5.84 37.05
CA GLU A 379 1.06 5.71 37.39
C GLU A 379 1.78 7.06 37.30
N GLU A 380 2.18 7.61 38.46
CA GLU A 380 2.85 8.91 38.49
C GLU A 380 4.36 8.82 38.33
N LEU A 381 4.92 9.71 37.52
CA LEU A 381 6.36 9.75 37.30
C LEU A 381 6.95 10.84 38.21
N LEU A 382 8.06 10.54 38.86
CA LEU A 382 8.67 11.51 39.75
C LEU A 382 9.91 12.14 39.14
N ALA A 383 10.14 13.41 39.48
CA ALA A 383 11.30 14.14 38.96
C ALA A 383 12.58 13.49 39.44
N PRO A 384 13.56 13.33 38.54
CA PRO A 384 14.85 12.72 38.86
C PRO A 384 15.79 13.68 39.58
N ALA A 385 15.39 14.93 39.73
CA ALA A 385 16.26 15.91 40.38
C ALA A 385 15.57 17.24 40.59
N ASP A 386 16.29 18.15 41.23
CA ASP A 386 15.79 19.50 41.48
C ASP A 386 16.06 20.29 40.19
N GLY A 387 15.28 21.33 39.95
CA GLY A 387 15.50 22.11 38.75
C GLY A 387 14.24 22.68 38.15
N THR A 388 14.41 23.27 36.97
CA THR A 388 13.30 23.88 36.26
C THR A 388 12.81 23.02 35.12
N VAL A 389 11.48 22.99 34.97
CA VAL A 389 10.87 22.25 33.88
C VAL A 389 11.09 23.13 32.67
N GLU A 390 12.17 22.83 31.95
CA GLU A 390 12.54 23.57 30.76
C GLU A 390 11.59 23.22 29.63
N LEU A 391 11.22 21.94 29.58
CA LEU A 391 10.32 21.46 28.56
C LEU A 391 9.91 20.03 28.86
N VAL A 392 8.79 19.63 28.26
CA VAL A 392 8.29 18.27 28.37
C VAL A 392 8.06 17.82 26.92
N ARG A 393 9.00 17.05 26.39
CA ARG A 393 8.95 16.53 25.01
C ARG A 393 7.59 15.87 24.69
N ALA A 394 6.84 16.51 23.79
CA ALA A 394 5.54 16.00 23.41
C ALA A 394 5.60 14.73 22.54
N LEU A 395 6.62 14.61 21.69
CA LEU A 395 6.69 13.44 20.82
C LEU A 395 6.87 12.10 21.56
N PRO A 396 7.82 12.03 22.50
CA PRO A 396 8.03 10.79 23.26
C PRO A 396 6.77 10.42 24.01
N LEU A 397 6.17 11.43 24.64
CA LEU A 397 4.96 11.25 25.41
C LEU A 397 3.83 10.68 24.55
N ALA A 398 3.65 11.22 23.35
CA ALA A 398 2.59 10.76 22.47
C ALA A 398 2.87 9.35 21.95
N LEU A 399 4.15 9.05 21.73
CA LEU A 399 4.52 7.72 21.24
C LEU A 399 4.22 6.64 22.27
N VAL A 400 4.47 6.94 23.54
CA VAL A 400 4.21 5.97 24.60
C VAL A 400 2.71 5.90 24.85
N LEU A 401 2.05 7.04 24.77
CA LEU A 401 0.61 7.08 24.96
C LEU A 401 0.04 6.25 23.82
N HIS A 402 0.72 6.32 22.68
CA HIS A 402 0.31 5.61 21.48
C HIS A 402 0.32 4.09 21.64
N GLU A 403 1.42 3.54 22.14
CA GLU A 403 1.52 2.10 22.30
C GLU A 403 0.71 1.56 23.48
N LEU A 404 0.11 2.48 24.25
CA LEU A 404 -0.72 2.10 25.40
C LEU A 404 -2.21 2.11 25.03
N GLY A 405 -2.51 2.30 23.75
CA GLY A 405 -3.89 2.29 23.30
C GLY A 405 -4.54 3.63 23.01
N ALA A 406 -3.75 4.68 22.86
CA ALA A 406 -4.31 6.00 22.59
C ALA A 406 -4.42 6.25 21.09
N GLY A 407 -3.61 5.51 20.32
CA GLY A 407 -3.60 5.66 18.88
C GLY A 407 -3.67 4.32 18.14
N ARG A 408 -3.80 4.39 16.82
CA ARG A 408 -3.94 3.17 16.02
C ARG A 408 -2.68 2.71 15.31
N SER A 409 -2.58 1.40 15.14
CA SER A 409 -1.46 0.80 14.44
C SER A 409 -2.09 -0.01 13.31
N ARG A 410 -3.41 0.02 13.25
CA ARG A 410 -4.19 -0.70 12.25
C ARG A 410 -5.48 0.10 12.03
N ALA A 411 -5.89 0.27 10.78
CA ALA A 411 -7.12 1.02 10.48
C ALA A 411 -8.34 0.36 11.10
N GLY A 412 -9.24 1.17 11.67
CA GLY A 412 -10.45 0.63 12.29
C GLY A 412 -10.24 0.07 13.69
N GLU A 413 -9.00 0.16 14.17
CA GLU A 413 -8.65 -0.33 15.50
C GLU A 413 -9.19 0.53 16.65
N PRO A 414 -9.95 -0.09 17.56
CA PRO A 414 -10.53 0.61 18.71
C PRO A 414 -9.44 1.22 19.58
N LEU A 415 -9.73 2.38 20.14
CA LEU A 415 -8.78 3.04 21.00
C LEU A 415 -9.20 2.85 22.43
N ARG A 416 -8.21 2.87 23.33
CA ARG A 416 -8.51 2.77 24.74
C ARG A 416 -8.71 4.20 25.21
N LEU A 417 -9.94 4.68 25.01
CA LEU A 417 -10.28 6.00 25.48
C LEU A 417 -10.11 5.90 26.98
N GLY A 418 -9.63 6.95 27.63
CA GLY A 418 -9.40 6.84 29.06
C GLY A 418 -7.90 6.85 29.28
N VAL A 419 -7.17 6.19 28.38
CA VAL A 419 -5.72 6.16 28.48
C VAL A 419 -5.21 7.54 28.08
N GLY A 420 -4.26 8.06 28.85
CA GLY A 420 -3.71 9.36 28.55
C GLY A 420 -2.67 9.76 29.57
N ALA A 421 -2.42 11.06 29.69
CA ALA A 421 -1.44 11.54 30.65
C ALA A 421 -1.74 12.96 31.09
N GLU A 422 -1.34 13.27 32.32
CA GLU A 422 -1.54 14.60 32.88
C GLU A 422 -0.19 15.18 33.27
N LEU A 423 0.10 16.39 32.81
CA LEU A 423 1.33 17.04 33.18
C LEU A 423 1.00 17.68 34.53
N LEU A 424 1.68 17.22 35.58
CA LEU A 424 1.44 17.74 36.93
C LEU A 424 2.28 18.98 37.20
N VAL A 425 3.22 19.25 36.31
CA VAL A 425 4.10 20.40 36.44
C VAL A 425 4.09 21.17 35.14
N ASP A 426 4.18 22.49 35.23
CA ASP A 426 4.20 23.29 34.03
C ASP A 426 5.64 23.61 33.64
N VAL A 427 5.83 24.07 32.41
CA VAL A 427 7.15 24.44 31.95
C VAL A 427 7.40 25.82 32.54
N GLY A 428 8.63 26.07 32.96
CA GLY A 428 8.93 27.36 33.57
C GLY A 428 8.86 27.31 35.09
N GLN A 429 8.32 26.22 35.63
CA GLN A 429 8.23 26.09 37.08
C GLN A 429 9.36 25.22 37.60
N ARG A 430 9.72 25.42 38.86
CA ARG A 430 10.78 24.65 39.49
C ARG A 430 10.15 23.51 40.29
N LEU A 431 10.85 22.39 40.37
CA LEU A 431 10.35 21.23 41.10
C LEU A 431 11.57 20.52 41.70
N ARG A 432 11.33 19.61 42.65
CA ARG A 432 12.42 18.88 43.29
C ARG A 432 12.34 17.39 42.99
N ARG A 433 13.47 16.69 43.08
CA ARG A 433 13.45 15.25 42.81
C ARG A 433 12.51 14.61 43.82
N GLY A 434 11.61 13.78 43.31
CA GLY A 434 10.65 13.13 44.17
C GLY A 434 9.27 13.69 43.90
N THR A 435 9.21 14.84 43.25
CA THR A 435 7.92 15.45 42.95
C THR A 435 7.35 14.85 41.66
N PRO A 436 6.09 14.40 41.71
CA PRO A 436 5.45 13.81 40.53
C PRO A 436 5.16 14.87 39.47
N TRP A 437 5.66 14.65 38.26
CA TRP A 437 5.48 15.61 37.18
C TRP A 437 4.57 15.07 36.07
N LEU A 438 4.28 13.78 36.14
CA LEU A 438 3.44 13.16 35.14
C LEU A 438 2.65 12.01 35.70
N ARG A 439 1.38 11.92 35.30
CA ARG A 439 0.52 10.84 35.74
C ARG A 439 0.05 10.09 34.49
N VAL A 440 0.48 8.83 34.35
CA VAL A 440 0.06 8.04 33.22
C VAL A 440 -1.21 7.25 33.49
N HIS A 441 -2.23 7.47 32.67
CA HIS A 441 -3.48 6.75 32.76
C HIS A 441 -3.39 5.57 31.80
N ARG A 442 -3.34 4.35 32.35
CA ARG A 442 -3.22 3.14 31.52
C ARG A 442 -4.19 2.02 31.91
N ASP A 443 -4.41 1.11 30.96
CA ASP A 443 -5.29 -0.05 31.16
C ASP A 443 -4.45 -1.31 31.34
N GLY A 444 -3.29 -1.33 30.68
CA GLY A 444 -2.43 -2.50 30.76
C GLY A 444 -1.47 -2.61 31.94
N PRO A 445 -0.35 -3.31 31.73
CA PRO A 445 0.68 -3.53 32.74
C PRO A 445 1.35 -2.23 33.18
N ALA A 446 2.12 -2.32 34.25
CA ALA A 446 2.89 -1.15 34.65
C ALA A 446 3.76 -0.79 33.46
N LEU A 447 4.17 0.45 33.37
CA LEU A 447 4.96 0.83 32.23
C LEU A 447 6.18 -0.01 32.00
N SER A 448 6.40 -0.36 30.74
CA SER A 448 7.55 -1.13 30.35
C SER A 448 8.83 -0.36 30.67
N GLY A 449 9.97 -0.99 30.49
CA GLY A 449 11.26 -0.36 30.75
C GLY A 449 11.54 0.78 29.80
N PRO A 450 11.71 0.46 28.53
CA PRO A 450 12.00 1.46 27.51
C PRO A 450 10.92 2.55 27.46
N GLN A 451 9.72 2.21 27.92
CA GLN A 451 8.63 3.17 27.94
C GLN A 451 8.91 4.22 29.01
N SER A 452 9.25 3.76 30.21
CA SER A 452 9.55 4.65 31.32
C SER A 452 10.72 5.56 30.96
N ARG A 453 11.75 4.98 30.37
CA ARG A 453 12.93 5.74 29.96
C ARG A 453 12.52 6.88 29.01
N ALA A 454 11.69 6.53 28.02
CA ALA A 454 11.23 7.50 27.03
C ALA A 454 10.52 8.69 27.68
N LEU A 455 9.65 8.40 28.65
CA LEU A 455 8.92 9.42 29.37
C LEU A 455 9.85 10.32 30.19
N GLN A 456 10.65 9.73 31.06
CA GLN A 456 11.58 10.53 31.86
C GLN A 456 12.42 11.35 30.89
N GLU A 457 12.82 10.71 29.80
CA GLU A 457 13.61 11.36 28.76
C GLU A 457 12.92 12.64 28.28
N ALA A 458 11.59 12.62 28.22
CA ALA A 458 10.78 13.75 27.78
C ALA A 458 10.75 14.90 28.77
N LEU A 459 11.08 14.62 30.03
CA LEU A 459 11.10 15.65 31.06
C LEU A 459 12.47 16.31 31.05
N VAL A 460 12.58 17.45 30.39
CA VAL A 460 13.84 18.16 30.32
C VAL A 460 13.90 19.15 31.48
N LEU A 461 14.98 19.08 32.24
CA LEU A 461 15.16 19.97 33.38
C LEU A 461 16.46 20.75 33.27
N SER A 462 16.42 22.00 33.71
CA SER A 462 17.59 22.85 33.73
C SER A 462 17.55 23.39 35.15
N ASP A 463 18.65 23.97 35.62
CA ASP A 463 18.63 24.49 36.97
C ASP A 463 18.84 25.99 36.96
N ARG A 464 17.73 26.69 36.78
CA ARG A 464 17.73 28.14 36.75
C ARG A 464 16.45 28.62 37.42
N ALA A 465 16.29 29.95 37.51
CA ALA A 465 15.11 30.52 38.12
C ALA A 465 13.89 30.07 37.34
N PRO A 466 12.70 30.19 37.96
CA PRO A 466 11.48 29.79 37.26
C PRO A 466 11.32 30.85 36.16
N PHE A 467 10.50 30.57 35.16
CA PHE A 467 10.28 31.53 34.08
C PHE A 467 8.86 31.41 33.55
N ALA A 468 8.47 32.33 32.69
CA ALA A 468 7.13 32.30 32.12
C ALA A 468 7.15 31.54 30.79
N ALA A 469 6.52 30.38 30.77
CA ALA A 469 6.49 29.57 29.55
C ALA A 469 5.98 30.39 28.36
N PRO A 470 6.63 30.26 27.20
CA PRO A 470 6.22 31.01 26.01
C PRO A 470 4.94 30.44 25.40
N SER A 471 4.21 31.25 24.65
CA SER A 471 2.97 30.81 24.01
C SER A 471 3.22 30.01 22.73
N PRO A 472 2.35 29.04 22.43
CA PRO A 472 2.47 28.21 21.23
C PRO A 472 2.52 29.03 19.94
N PHE A 473 1.56 29.94 19.77
CA PHE A 473 1.50 30.74 18.56
C PHE A 473 2.84 31.38 18.17
N ALA A 474 3.17 31.31 16.88
CA ALA A 474 4.41 31.90 16.38
C ALA A 474 4.10 32.98 15.34
N GLU A 475 3.57 32.59 14.18
CA GLU A 475 3.26 33.57 13.17
C GLU A 475 2.09 33.21 12.28
N LEU A 476 1.47 34.24 11.70
CA LEU A 476 0.34 34.03 10.81
C LEU A 476 0.82 34.15 9.36
N VAL A 477 0.40 33.21 8.52
CA VAL A 477 0.75 33.22 7.11
C VAL A 477 -0.55 33.53 6.39
N LEU A 478 -0.57 34.63 5.64
CA LEU A 478 -1.78 35.03 4.90
C LEU A 478 -1.68 34.63 3.44
N PRO A 479 -2.83 34.62 2.75
CA PRO A 479 -2.85 34.26 1.32
C PRO A 479 -2.25 35.41 0.53
N PRO A 480 -1.52 35.12 -0.55
CA PRO A 480 -0.94 36.22 -1.33
C PRO A 480 -2.01 37.06 -2.01
N GLN A 481 -1.72 38.23 -2.37
N GLN B 35 5.45 -1.90 15.69
CA GLN B 35 4.17 -2.10 14.94
C GLN B 35 4.35 -1.80 13.44
N LEU B 36 3.41 -2.31 12.64
CA LEU B 36 3.43 -2.14 11.18
C LEU B 36 3.71 -0.72 10.70
N PRO B 37 2.98 0.27 11.23
CA PRO B 37 3.24 1.63 10.79
C PRO B 37 4.71 2.04 10.88
N GLU B 38 5.37 1.67 11.97
CA GLU B 38 6.76 2.02 12.16
C GLU B 38 7.69 1.24 11.24
N LEU B 39 7.45 -0.06 11.10
CA LEU B 39 8.28 -0.87 10.22
C LEU B 39 8.30 -0.22 8.83
N ILE B 40 7.12 0.22 8.39
CA ILE B 40 6.98 0.85 7.10
C ILE B 40 7.74 2.18 7.03
N ARG B 41 7.63 2.97 8.08
CA ARG B 41 8.31 4.26 8.13
C ARG B 41 9.82 4.09 8.01
N MET B 42 10.36 3.07 8.66
CA MET B 42 11.80 2.81 8.64
C MET B 42 12.28 2.53 7.23
N LYS B 43 11.58 1.62 6.56
CA LYS B 43 11.93 1.26 5.19
C LYS B 43 11.64 2.49 4.32
N ARG B 44 10.54 3.17 4.64
CA ARG B 44 10.17 4.36 3.88
C ARG B 44 11.27 5.40 3.92
N ASP B 45 11.93 5.52 5.08
CA ASP B 45 13.00 6.49 5.25
C ASP B 45 14.36 5.98 4.81
N GLY B 46 14.44 4.74 4.35
CA GLY B 46 15.71 4.20 3.91
C GLY B 46 16.40 3.28 4.89
N GLY B 47 15.76 3.02 6.02
CA GLY B 47 16.38 2.14 6.98
C GLY B 47 16.18 0.71 6.55
N ARG B 48 16.97 -0.19 7.11
CA ARG B 48 16.83 -1.61 6.81
C ARG B 48 15.97 -2.18 7.93
N LEU B 49 15.40 -3.35 7.70
CA LEU B 49 14.57 -3.97 8.73
C LEU B 49 15.37 -5.08 9.41
N SER B 50 15.26 -5.17 10.73
CA SER B 50 15.98 -6.20 11.46
C SER B 50 15.31 -7.54 11.14
N GLU B 51 15.99 -8.64 11.42
CA GLU B 51 15.42 -9.95 11.15
C GLU B 51 14.11 -10.11 11.92
N ALA B 52 14.04 -9.48 13.08
CA ALA B 52 12.83 -9.54 13.89
C ALA B 52 11.74 -8.69 13.24
N ASP B 53 12.15 -7.63 12.55
CA ASP B 53 11.21 -6.76 11.87
C ASP B 53 10.56 -7.49 10.72
N ILE B 54 11.40 -8.06 9.85
CA ILE B 54 10.94 -8.78 8.68
C ILE B 54 10.08 -9.96 9.07
N ARG B 55 10.51 -10.74 10.05
CA ARG B 55 9.73 -11.89 10.51
C ARG B 55 8.46 -11.34 11.16
N GLY B 56 8.58 -10.15 11.74
CA GLY B 56 7.43 -9.54 12.37
C GLY B 56 6.41 -9.15 11.33
N PHE B 57 6.90 -8.52 10.26
CA PHE B 57 6.06 -8.09 9.16
C PHE B 57 5.43 -9.28 8.44
N VAL B 58 6.24 -10.30 8.19
CA VAL B 58 5.80 -11.49 7.49
C VAL B 58 4.69 -12.22 8.21
N ALA B 59 4.80 -12.32 9.54
CA ALA B 59 3.80 -13.00 10.33
C ALA B 59 2.51 -12.20 10.29
N ALA B 60 2.65 -10.88 10.19
CA ALA B 60 1.49 -9.99 10.13
C ALA B 60 0.79 -10.10 8.77
N VAL B 61 1.54 -10.44 7.74
CA VAL B 61 1.00 -10.61 6.39
C VAL B 61 0.24 -11.93 6.33
N VAL B 62 0.83 -12.96 6.94
CA VAL B 62 0.24 -14.30 6.97
C VAL B 62 -0.94 -14.46 7.92
N ASN B 63 -0.95 -13.73 9.04
CA ASN B 63 -2.05 -13.89 9.99
C ASN B 63 -3.19 -12.87 9.90
N GLY B 64 -3.07 -11.89 9.01
CA GLY B 64 -4.15 -10.94 8.86
C GLY B 64 -4.01 -9.58 9.52
N SER B 65 -3.14 -9.45 10.53
CA SER B 65 -2.98 -8.16 11.20
C SER B 65 -2.53 -7.09 10.23
N ALA B 66 -1.73 -7.46 9.23
CA ALA B 66 -1.30 -6.49 8.23
C ALA B 66 -2.49 -6.24 7.30
N GLN B 67 -2.91 -4.98 7.16
CA GLN B 67 -4.03 -4.68 6.28
C GLN B 67 -3.52 -4.46 4.86
N GLY B 68 -4.43 -4.50 3.89
CA GLY B 68 -4.08 -4.28 2.50
C GLY B 68 -3.19 -3.07 2.28
N ALA B 69 -3.63 -1.89 2.75
CA ALA B 69 -2.85 -0.67 2.59
C ALA B 69 -1.44 -0.77 3.18
N GLN B 70 -1.31 -1.54 4.26
CA GLN B 70 0.00 -1.68 4.90
C GLN B 70 0.92 -2.58 4.08
N ILE B 71 0.35 -3.63 3.50
CA ILE B 71 1.13 -4.54 2.65
C ILE B 71 1.62 -3.75 1.43
N GLY B 72 0.72 -2.93 0.88
CA GLY B 72 1.04 -2.11 -0.27
C GLY B 72 2.06 -1.05 0.05
N ALA B 73 1.90 -0.39 1.21
CA ALA B 73 2.84 0.64 1.61
C ALA B 73 4.24 0.03 1.76
N MET B 74 4.34 -1.08 2.50
CA MET B 74 5.61 -1.76 2.69
C MET B 74 6.26 -2.12 1.36
N LEU B 75 5.49 -2.75 0.48
CA LEU B 75 5.99 -3.15 -0.82
C LEU B 75 6.51 -1.97 -1.63
N MET B 76 5.75 -0.89 -1.68
CA MET B 76 6.17 0.27 -2.44
C MET B 76 7.44 0.90 -1.81
N ALA B 77 7.48 0.96 -0.48
CA ALA B 77 8.63 1.53 0.22
C ALA B 77 9.86 0.72 -0.18
N ILE B 78 9.72 -0.59 -0.10
CA ILE B 78 10.80 -1.49 -0.48
C ILE B 78 11.16 -1.30 -1.95
N ARG B 79 10.16 -1.22 -2.82
CA ARG B 79 10.41 -1.02 -4.24
C ARG B 79 11.17 0.28 -4.52
N LEU B 80 10.96 1.30 -3.69
CA LEU B 80 11.63 2.57 -3.90
C LEU B 80 12.90 2.85 -3.10
N ARG B 81 13.09 2.12 -2.00
CA ARG B 81 14.26 2.33 -1.14
C ARG B 81 15.15 1.09 -1.06
N GLY B 82 14.70 0.01 -1.71
CA GLY B 82 15.44 -1.24 -1.73
C GLY B 82 15.69 -1.91 -0.39
N MET B 83 16.44 -3.01 -0.45
CA MET B 83 16.82 -3.78 0.73
C MET B 83 18.25 -4.25 0.46
N ASP B 84 18.98 -4.63 1.50
CA ASP B 84 20.33 -5.11 1.29
C ASP B 84 20.35 -6.64 1.29
N LEU B 85 21.48 -7.23 0.91
CA LEU B 85 21.57 -8.68 0.85
C LEU B 85 21.06 -9.42 2.07
N GLU B 86 21.37 -8.92 3.25
CA GLU B 86 20.91 -9.59 4.46
C GLU B 86 19.40 -9.53 4.58
N GLU B 87 18.82 -8.35 4.37
CA GLU B 87 17.37 -8.23 4.46
C GLU B 87 16.76 -9.23 3.50
N THR B 88 17.21 -9.14 2.24
CA THR B 88 16.74 -10.04 1.18
C THR B 88 16.83 -11.48 1.67
N SER B 89 18.01 -11.87 2.14
CA SER B 89 18.20 -13.23 2.64
C SER B 89 17.20 -13.55 3.77
N VAL B 90 16.98 -12.58 4.66
CA VAL B 90 16.06 -12.79 5.77
C VAL B 90 14.60 -12.88 5.33
N LEU B 91 14.24 -12.12 4.30
CA LEU B 91 12.89 -12.12 3.77
C LEU B 91 12.66 -13.52 3.20
N THR B 92 13.57 -13.95 2.33
CA THR B 92 13.52 -15.27 1.70
C THR B 92 13.23 -16.35 2.74
N GLN B 93 13.96 -16.36 3.84
CA GLN B 93 13.76 -17.36 4.88
C GLN B 93 12.38 -17.23 5.48
N ALA B 94 12.03 -16.01 5.86
CA ALA B 94 10.72 -15.75 6.46
C ALA B 94 9.59 -16.25 5.58
N LEU B 95 9.65 -15.95 4.28
CA LEU B 95 8.61 -16.39 3.37
C LEU B 95 8.61 -17.93 3.28
N ALA B 96 9.79 -18.51 3.18
CA ALA B 96 9.91 -19.96 3.09
C ALA B 96 9.33 -20.59 4.34
N GLN B 97 9.60 -19.96 5.49
CA GLN B 97 9.14 -20.46 6.77
C GLN B 97 7.74 -20.01 7.17
N SER B 98 7.09 -19.21 6.33
CA SER B 98 5.75 -18.74 6.65
C SER B 98 4.78 -19.90 6.56
N GLY B 99 5.20 -20.95 5.85
CA GLY B 99 4.37 -22.13 5.72
C GLY B 99 5.11 -23.41 6.10
N GLN B 100 4.85 -24.48 5.37
CA GLN B 100 5.48 -25.76 5.63
C GLN B 100 6.69 -26.02 4.76
N GLN B 101 7.53 -26.92 5.26
CA GLN B 101 8.71 -27.38 4.53
C GLN B 101 8.27 -28.72 3.91
N LEU B 102 8.45 -28.89 2.62
CA LEU B 102 8.03 -30.14 2.01
C LEU B 102 8.95 -31.28 2.38
N GLU B 103 8.38 -32.34 2.96
CA GLU B 103 9.13 -33.51 3.37
C GLU B 103 9.01 -34.63 2.35
N TRP B 104 10.14 -35.03 1.78
CA TRP B 104 10.17 -36.08 0.77
C TRP B 104 10.87 -37.35 1.25
N PRO B 105 10.61 -38.48 0.55
CA PRO B 105 11.24 -39.74 0.91
C PRO B 105 12.73 -39.61 0.59
N GLU B 106 13.58 -39.90 1.58
CA GLU B 106 15.02 -39.81 1.42
C GLU B 106 15.52 -40.34 0.08
N ALA B 107 14.85 -41.36 -0.43
CA ALA B 107 15.25 -41.97 -1.70
C ALA B 107 15.21 -40.98 -2.87
N TRP B 108 14.45 -39.89 -2.72
CA TRP B 108 14.33 -38.91 -3.78
C TRP B 108 15.34 -37.77 -3.66
N ARG B 109 15.67 -37.38 -2.43
CA ARG B 109 16.61 -36.29 -2.15
C ARG B 109 17.47 -35.80 -3.31
N GLN B 110 18.18 -36.71 -3.96
CA GLN B 110 19.06 -36.34 -5.06
C GLN B 110 18.33 -36.06 -6.37
N GLN B 111 17.09 -36.54 -6.49
CA GLN B 111 16.30 -36.37 -7.71
C GLN B 111 15.46 -35.11 -7.80
N LEU B 112 15.06 -34.59 -6.64
CA LEU B 112 14.23 -33.40 -6.56
C LEU B 112 14.88 -32.15 -7.16
N VAL B 113 14.43 -31.77 -8.35
CA VAL B 113 14.97 -30.59 -9.02
C VAL B 113 13.80 -29.73 -9.46
N ASP B 114 14.11 -28.55 -10.03
CA ASP B 114 13.06 -27.65 -10.48
C ASP B 114 13.69 -26.47 -11.22
N LYS B 115 12.88 -25.76 -11.98
CA LYS B 115 13.38 -24.60 -12.70
C LYS B 115 12.34 -23.51 -12.53
N HIS B 116 12.79 -22.26 -12.59
CA HIS B 116 11.89 -21.12 -12.46
C HIS B 116 12.27 -20.03 -13.45
N SER B 117 11.31 -19.16 -13.71
CA SER B 117 11.50 -18.07 -14.66
C SER B 117 11.18 -16.74 -13.96
N THR B 118 11.71 -15.64 -14.47
CA THR B 118 11.43 -14.33 -13.88
C THR B 118 10.16 -13.78 -14.51
N GLY B 119 9.57 -14.53 -15.42
CA GLY B 119 8.36 -14.08 -16.06
C GLY B 119 8.62 -13.38 -17.37
N GLY B 120 7.78 -13.67 -18.35
CA GLY B 120 7.92 -13.06 -19.66
C GLY B 120 6.65 -13.17 -20.47
N VAL B 121 6.81 -13.25 -21.78
CA VAL B 121 5.69 -13.34 -22.69
C VAL B 121 5.79 -14.56 -23.58
N GLY B 122 4.82 -15.47 -23.46
CA GLY B 122 4.81 -16.68 -24.25
C GLY B 122 5.81 -17.64 -23.64
N ASP B 123 6.26 -17.28 -22.45
CA ASP B 123 7.23 -18.09 -21.73
C ASP B 123 6.57 -19.32 -21.13
N LYS B 124 6.22 -20.29 -21.98
CA LYS B 124 5.58 -21.51 -21.50
C LYS B 124 6.59 -22.64 -21.29
N VAL B 125 7.80 -22.30 -20.88
CA VAL B 125 8.86 -23.29 -20.68
C VAL B 125 8.65 -24.28 -19.56
N SER B 126 8.11 -23.83 -18.44
CA SER B 126 7.88 -24.73 -17.33
C SER B 126 6.91 -25.81 -17.72
N LEU B 127 5.90 -25.44 -18.51
CA LEU B 127 4.91 -26.40 -18.97
C LEU B 127 5.54 -27.55 -19.73
N VAL B 128 6.48 -27.23 -20.61
CA VAL B 128 7.18 -28.22 -21.42
C VAL B 128 8.34 -28.87 -20.69
N LEU B 129 9.08 -28.07 -19.92
CA LEU B 129 10.25 -28.55 -19.19
C LEU B 129 9.94 -29.42 -17.96
N ALA B 130 8.91 -29.09 -17.19
CA ALA B 130 8.60 -29.90 -16.01
C ALA B 130 8.40 -31.38 -16.34
N PRO B 131 7.46 -31.69 -17.25
CA PRO B 131 7.20 -33.09 -17.64
C PRO B 131 8.37 -33.71 -18.40
N ALA B 132 9.12 -32.86 -19.10
CA ALA B 132 10.27 -33.33 -19.85
C ALA B 132 11.34 -33.84 -18.89
N LEU B 133 11.48 -33.15 -17.76
CA LEU B 133 12.44 -33.55 -16.74
C LEU B 133 11.98 -34.84 -16.08
N ALA B 134 10.70 -34.89 -15.73
CA ALA B 134 10.16 -36.09 -15.09
C ALA B 134 10.19 -37.23 -16.09
N ALA B 135 10.70 -36.93 -17.29
CA ALA B 135 10.83 -37.94 -18.34
C ALA B 135 12.24 -38.49 -18.26
N CYS B 136 12.92 -38.15 -17.17
CA CYS B 136 14.29 -38.60 -16.94
C CYS B 136 14.49 -38.91 -15.46
N GLY B 137 13.43 -39.46 -14.86
CA GLY B 137 13.47 -39.84 -13.46
C GLY B 137 13.53 -38.75 -12.41
N CYS B 138 13.75 -37.51 -12.82
CA CYS B 138 13.84 -36.43 -11.85
C CYS B 138 12.48 -36.08 -11.26
N LYS B 139 12.46 -35.77 -9.97
CA LYS B 139 11.24 -35.40 -9.27
C LYS B 139 11.13 -33.88 -9.24
N VAL B 140 10.10 -33.34 -9.89
CA VAL B 140 9.92 -31.90 -9.94
C VAL B 140 8.65 -31.40 -9.25
N PRO B 141 8.78 -31.00 -7.98
CA PRO B 141 7.64 -30.49 -7.19
C PRO B 141 7.56 -28.97 -7.36
N MET B 142 7.38 -28.53 -8.59
CA MET B 142 7.32 -27.12 -8.93
C MET B 142 6.19 -26.28 -8.35
N ILE B 143 6.59 -25.32 -7.53
CA ILE B 143 5.66 -24.39 -6.92
C ILE B 143 5.84 -23.10 -7.71
N SER B 144 4.99 -22.85 -8.69
CA SER B 144 5.15 -21.62 -9.46
C SER B 144 4.19 -20.52 -9.03
N GLY B 145 3.60 -19.82 -9.99
CA GLY B 145 2.69 -18.76 -9.63
C GLY B 145 1.89 -18.23 -10.78
N ARG B 146 0.99 -17.31 -10.46
CA ARG B 146 0.12 -16.70 -11.45
C ARG B 146 0.81 -15.53 -12.16
N GLY B 147 0.05 -14.81 -12.96
CA GLY B 147 0.60 -13.68 -13.68
C GLY B 147 1.18 -12.66 -12.72
N LEU B 148 2.17 -11.93 -13.19
CA LEU B 148 2.83 -10.92 -12.37
C LEU B 148 3.09 -9.73 -13.26
N GLY B 149 2.34 -8.64 -13.06
CA GLY B 149 2.52 -7.48 -13.91
C GLY B 149 2.03 -7.85 -15.30
N HIS B 150 2.82 -7.55 -16.31
CA HIS B 150 2.43 -7.85 -17.69
C HIS B 150 2.83 -9.26 -18.11
N THR B 151 3.38 -10.04 -17.18
CA THR B 151 3.82 -11.40 -17.48
C THR B 151 2.81 -12.48 -17.13
N GLY B 152 2.75 -13.51 -17.96
CA GLY B 152 1.85 -14.62 -17.72
C GLY B 152 2.42 -15.58 -16.69
N GLY B 153 1.54 -16.17 -15.89
CA GLY B 153 1.98 -17.12 -14.89
C GLY B 153 1.59 -18.50 -15.34
N THR B 154 2.44 -19.50 -15.12
CA THR B 154 2.11 -20.83 -15.57
C THR B 154 0.89 -21.38 -14.83
N LEU B 155 0.65 -20.90 -13.61
CA LEU B 155 -0.51 -21.39 -12.87
C LEU B 155 -1.79 -20.97 -13.60
N ASP B 156 -1.79 -19.77 -14.18
CA ASP B 156 -2.96 -19.30 -14.91
C ASP B 156 -3.09 -20.10 -16.19
N LYS B 157 -1.96 -20.42 -16.79
CA LYS B 157 -1.95 -21.18 -18.03
C LYS B 157 -2.54 -22.56 -17.79
N LEU B 158 -2.15 -23.15 -16.68
CA LEU B 158 -2.63 -24.47 -16.39
C LEU B 158 -4.09 -24.49 -16.10
N GLU B 159 -4.59 -23.33 -15.80
CA GLU B 159 -5.99 -23.30 -15.44
C GLU B 159 -6.88 -23.19 -16.61
N SER B 160 -6.31 -22.92 -17.77
CA SER B 160 -7.19 -22.92 -18.88
C SER B 160 -7.56 -24.36 -19.15
N ILE B 161 -6.85 -25.31 -18.49
CA ILE B 161 -7.11 -26.72 -18.70
C ILE B 161 -8.23 -27.14 -17.75
N PRO B 162 -9.44 -27.39 -18.29
CA PRO B 162 -10.59 -27.80 -17.48
C PRO B 162 -10.26 -28.85 -16.45
N GLY B 163 -10.57 -28.56 -15.19
CA GLY B 163 -10.32 -29.50 -14.10
C GLY B 163 -9.02 -29.36 -13.34
N PHE B 164 -8.00 -28.77 -13.96
CA PHE B 164 -6.71 -28.64 -13.30
C PHE B 164 -6.77 -27.79 -12.03
N ASN B 165 -6.31 -28.39 -10.93
CA ASN B 165 -6.28 -27.75 -9.62
C ASN B 165 -4.83 -27.35 -9.32
N VAL B 166 -4.64 -26.11 -8.88
CA VAL B 166 -3.30 -25.63 -8.57
C VAL B 166 -2.96 -25.75 -7.10
N ILE B 167 -3.98 -25.87 -6.26
CA ILE B 167 -3.75 -25.98 -4.82
C ILE B 167 -3.71 -27.43 -4.32
N GLN B 168 -2.50 -27.96 -4.21
CA GLN B 168 -2.30 -29.32 -3.73
C GLN B 168 -1.60 -29.25 -2.37
N SER B 169 -2.11 -29.97 -1.39
CA SER B 169 -1.48 -29.97 -0.07
C SER B 169 -0.17 -30.76 -0.20
N PRO B 170 0.71 -30.68 0.83
CA PRO B 170 1.97 -31.42 0.78
C PRO B 170 1.80 -32.90 0.48
N GLU B 171 0.85 -33.54 1.14
CA GLU B 171 0.59 -34.96 0.91
C GLU B 171 0.30 -35.25 -0.57
N GLN B 172 -0.67 -34.53 -1.15
CA GLN B 172 -1.02 -34.72 -2.56
C GLN B 172 0.22 -34.55 -3.43
N MET B 173 1.09 -33.63 -3.04
CA MET B 173 2.31 -33.37 -3.79
C MET B 173 3.20 -34.61 -3.81
N GLN B 174 3.21 -35.35 -2.71
CA GLN B 174 4.03 -36.55 -2.63
C GLN B 174 3.45 -37.59 -3.59
N VAL B 175 2.13 -37.77 -3.52
CA VAL B 175 1.45 -38.73 -4.39
C VAL B 175 1.69 -38.37 -5.84
N LEU B 176 1.61 -37.08 -6.15
CA LEU B 176 1.82 -36.63 -7.52
C LEU B 176 3.20 -36.99 -8.04
N LEU B 177 4.24 -36.72 -7.27
CA LEU B 177 5.60 -37.05 -7.70
C LEU B 177 5.78 -38.55 -7.84
N ASP B 178 5.16 -39.28 -6.93
CA ASP B 178 5.23 -40.74 -6.92
C ASP B 178 4.58 -41.36 -8.15
N GLN B 179 3.50 -40.77 -8.62
CA GLN B 179 2.78 -41.29 -9.78
C GLN B 179 3.10 -40.60 -11.11
N ALA B 180 3.58 -39.37 -11.07
CA ALA B 180 3.89 -38.66 -12.31
C ALA B 180 5.29 -38.04 -12.35
N GLY B 181 5.97 -38.00 -11.21
CA GLY B 181 7.29 -37.43 -11.18
C GLY B 181 7.35 -35.90 -11.20
N CYS B 182 6.21 -35.26 -11.44
CA CYS B 182 6.16 -33.81 -11.47
C CYS B 182 4.80 -33.28 -11.05
N CYS B 183 4.73 -31.96 -10.87
CA CYS B 183 3.50 -31.28 -10.51
C CYS B 183 3.75 -29.78 -10.56
N ILE B 184 2.68 -29.02 -10.72
CA ILE B 184 2.80 -27.58 -10.78
C ILE B 184 1.68 -27.03 -9.91
N VAL B 185 2.06 -26.59 -8.72
CA VAL B 185 1.14 -26.08 -7.73
C VAL B 185 1.41 -24.61 -7.43
N GLY B 186 0.49 -23.99 -6.71
CA GLY B 186 0.66 -22.58 -6.38
C GLY B 186 0.80 -22.41 -4.88
N GLN B 187 1.12 -21.19 -4.46
CA GLN B 187 1.27 -20.89 -3.04
C GLN B 187 -0.09 -21.08 -2.37
N SER B 188 -0.09 -21.50 -1.11
CA SER B 188 -1.32 -21.72 -0.37
C SER B 188 -1.13 -21.40 1.11
N GLU B 189 -2.12 -21.73 1.91
CA GLU B 189 -2.05 -21.49 3.34
C GLU B 189 -0.96 -22.36 3.92
N GLN B 190 -0.66 -23.46 3.22
CA GLN B 190 0.35 -24.42 3.65
C GLN B 190 1.72 -24.20 3.01
N LEU B 191 1.74 -23.75 1.75
CA LEU B 191 3.00 -23.51 1.05
C LEU B 191 3.25 -22.02 0.82
N VAL B 192 4.31 -21.50 1.42
CA VAL B 192 4.67 -20.07 1.33
C VAL B 192 3.49 -19.11 1.33
N PRO B 193 2.65 -19.17 2.37
CA PRO B 193 1.47 -18.28 2.46
C PRO B 193 1.89 -16.83 2.26
N ALA B 194 2.96 -16.45 2.94
CA ALA B 194 3.47 -15.09 2.88
C ALA B 194 3.82 -14.66 1.45
N ASP B 195 4.46 -15.55 0.69
CA ASP B 195 4.78 -15.16 -0.67
C ASP B 195 3.51 -15.02 -1.49
N GLY B 196 2.58 -15.94 -1.29
CA GLY B 196 1.32 -15.89 -2.02
C GLY B 196 0.67 -14.52 -1.88
N ILE B 197 0.69 -13.99 -0.67
CA ILE B 197 0.09 -12.69 -0.41
C ILE B 197 0.87 -11.56 -1.07
N LEU B 198 2.18 -11.53 -0.85
CA LEU B 198 2.99 -10.47 -1.43
C LEU B 198 2.97 -10.55 -2.96
N TYR B 199 3.01 -11.77 -3.49
CA TYR B 199 2.99 -12.02 -4.92
C TYR B 199 1.74 -11.40 -5.58
N ALA B 200 0.56 -11.75 -5.07
CA ALA B 200 -0.67 -11.22 -5.62
C ALA B 200 -0.77 -9.70 -5.48
N ALA B 201 -0.17 -9.12 -4.43
CA ALA B 201 -0.27 -7.67 -4.25
C ALA B 201 0.76 -6.92 -5.10
N ARG B 202 1.96 -7.46 -5.19
CA ARG B 202 2.99 -6.83 -5.98
C ARG B 202 2.51 -6.69 -7.42
N ASP B 203 1.88 -7.76 -7.91
CA ASP B 203 1.39 -7.82 -9.28
C ASP B 203 0.53 -6.62 -9.67
N VAL B 204 -0.37 -6.20 -8.78
CA VAL B 204 -1.23 -5.07 -9.07
C VAL B 204 -0.84 -3.78 -8.36
N THR B 205 0.42 -3.65 -7.97
CA THR B 205 0.87 -2.44 -7.29
C THR B 205 2.18 -1.86 -7.82
N ALA B 206 2.66 -2.35 -8.96
CA ALA B 206 3.89 -1.83 -9.54
C ALA B 206 5.07 -2.01 -8.59
N THR B 207 5.09 -3.15 -7.91
CA THR B 207 6.16 -3.48 -6.99
C THR B 207 6.69 -4.86 -7.33
N VAL B 208 6.56 -5.22 -8.60
CA VAL B 208 7.07 -6.51 -9.08
C VAL B 208 8.57 -6.37 -9.33
N ASP B 209 8.93 -5.34 -10.06
CA ASP B 209 10.32 -5.12 -10.40
C ASP B 209 11.19 -4.59 -9.25
N SER B 210 11.34 -5.44 -8.24
CA SER B 210 12.16 -5.17 -7.05
C SER B 210 13.11 -6.35 -6.92
N LEU B 211 14.40 -6.12 -7.13
CA LEU B 211 15.38 -7.21 -7.04
C LEU B 211 15.20 -8.02 -5.77
N PRO B 212 15.19 -7.34 -4.62
CA PRO B 212 15.01 -8.11 -3.38
C PRO B 212 13.70 -8.88 -3.26
N LEU B 213 12.59 -8.30 -3.70
CA LEU B 213 11.30 -8.98 -3.59
C LEU B 213 11.24 -10.19 -4.51
N ILE B 214 11.77 -10.04 -5.73
CA ILE B 214 11.77 -11.14 -6.70
C ILE B 214 12.62 -12.24 -6.11
N THR B 215 13.79 -11.84 -5.61
CA THR B 215 14.74 -12.77 -5.01
C THR B 215 14.09 -13.62 -3.92
N ALA B 216 13.54 -12.99 -2.90
CA ALA B 216 12.93 -13.74 -1.81
C ALA B 216 11.74 -14.56 -2.30
N SER B 217 10.95 -13.97 -3.21
CA SER B 217 9.78 -14.66 -3.75
C SER B 217 10.13 -15.97 -4.45
N ILE B 218 11.06 -15.89 -5.39
CA ILE B 218 11.48 -17.07 -6.15
C ILE B 218 12.16 -18.13 -5.27
N LEU B 219 13.20 -17.71 -4.55
CA LEU B 219 13.95 -18.59 -3.67
C LEU B 219 13.13 -19.21 -2.54
N SER B 220 12.21 -18.45 -1.97
CA SER B 220 11.38 -18.97 -0.89
C SER B 220 10.59 -20.20 -1.36
N LYS B 221 10.00 -20.10 -2.54
CA LYS B 221 9.22 -21.22 -3.07
C LYS B 221 10.11 -22.44 -3.31
N LYS B 222 11.31 -22.20 -3.84
CA LYS B 222 12.25 -23.27 -4.12
C LYS B 222 12.86 -23.91 -2.88
N LEU B 223 13.22 -23.11 -1.89
CA LEU B 223 13.82 -23.63 -0.67
C LEU B 223 12.90 -24.61 0.04
N VAL B 224 11.60 -24.31 0.03
CA VAL B 224 10.61 -25.15 0.68
C VAL B 224 10.46 -26.49 -0.04
N GLU B 225 10.85 -26.54 -1.31
CA GLU B 225 10.76 -27.76 -2.10
C GLU B 225 11.78 -28.85 -1.78
N GLY B 226 12.83 -28.49 -1.04
CA GLY B 226 13.85 -29.48 -0.68
C GLY B 226 14.52 -30.05 -1.91
N LEU B 227 14.97 -29.17 -2.79
CA LEU B 227 15.61 -29.55 -4.03
C LEU B 227 17.10 -29.77 -3.83
N SER B 228 17.77 -30.27 -4.87
CA SER B 228 19.20 -30.48 -4.82
C SER B 228 19.83 -29.71 -5.98
N ALA B 229 19.04 -28.87 -6.64
CA ALA B 229 19.52 -28.05 -7.76
C ALA B 229 18.37 -27.23 -8.34
N LEU B 230 18.60 -25.94 -8.53
CA LEU B 230 17.57 -25.03 -9.03
C LEU B 230 18.12 -24.17 -10.17
N VAL B 231 17.39 -24.11 -11.28
CA VAL B 231 17.79 -23.31 -12.42
C VAL B 231 16.75 -22.21 -12.65
N VAL B 232 17.17 -20.96 -12.53
CA VAL B 232 16.26 -19.87 -12.74
C VAL B 232 16.54 -19.21 -14.07
N ASP B 233 15.50 -19.06 -14.88
CA ASP B 233 15.67 -18.41 -16.15
C ASP B 233 15.38 -16.94 -15.91
N VAL B 234 16.43 -16.15 -15.84
CA VAL B 234 16.26 -14.72 -15.60
C VAL B 234 16.15 -14.02 -16.94
N LYS B 235 15.03 -13.34 -17.13
CA LYS B 235 14.77 -12.63 -18.37
C LYS B 235 15.38 -11.24 -18.38
N PHE B 236 15.62 -10.73 -19.57
CA PHE B 236 16.15 -9.41 -19.82
C PHE B 236 15.55 -9.09 -21.17
N GLY B 237 15.47 -7.82 -21.54
CA GLY B 237 14.87 -7.47 -22.82
C GLY B 237 13.62 -6.64 -22.66
N GLY B 238 13.08 -6.18 -23.78
CA GLY B 238 11.88 -5.33 -23.78
C GLY B 238 10.69 -5.67 -22.92
N ALA B 239 10.42 -6.96 -22.68
CA ALA B 239 9.27 -7.34 -21.87
C ALA B 239 9.68 -8.05 -20.58
N ALA B 240 10.97 -7.99 -20.26
CA ALA B 240 11.47 -8.61 -19.04
C ALA B 240 11.12 -7.72 -17.84
N VAL B 241 11.11 -8.29 -16.64
CA VAL B 241 10.82 -7.49 -15.46
C VAL B 241 11.92 -6.42 -15.45
N PHE B 242 13.15 -6.87 -15.63
CA PHE B 242 14.30 -5.99 -15.70
C PHE B 242 14.86 -6.04 -17.12
N PRO B 243 14.39 -5.16 -18.00
CA PRO B 243 14.85 -5.10 -19.40
C PRO B 243 16.37 -5.03 -19.51
N ASN B 244 16.96 -4.13 -18.74
CA ASN B 244 18.40 -3.92 -18.75
C ASN B 244 19.14 -5.20 -18.42
N GLN B 245 19.92 -5.67 -19.38
CA GLN B 245 20.67 -6.91 -19.25
C GLN B 245 21.59 -6.94 -18.05
N GLU B 246 22.12 -5.79 -17.67
CA GLU B 246 23.02 -5.74 -16.52
C GLU B 246 22.23 -5.82 -15.21
N GLN B 247 21.05 -5.23 -15.19
CA GLN B 247 20.19 -5.27 -14.00
C GLN B 247 19.69 -6.71 -13.82
N ALA B 248 19.42 -7.39 -14.93
CA ALA B 248 18.96 -8.77 -14.88
C ALA B 248 20.08 -9.65 -14.36
N ARG B 249 21.32 -9.31 -14.74
CA ARG B 249 22.47 -10.09 -14.29
C ARG B 249 22.64 -9.93 -12.76
N GLU B 250 22.36 -8.74 -12.26
CA GLU B 250 22.46 -8.48 -10.82
C GLU B 250 21.45 -9.39 -10.12
N LEU B 251 20.28 -9.58 -10.74
CA LEU B 251 19.23 -10.43 -10.20
C LEU B 251 19.73 -11.88 -10.24
N ALA B 252 20.28 -12.24 -11.38
CA ALA B 252 20.80 -13.59 -11.58
C ALA B 252 21.89 -13.90 -10.55
N LYS B 253 22.74 -12.91 -10.26
CA LYS B 253 23.80 -13.10 -9.27
C LYS B 253 23.20 -13.23 -7.88
N THR B 254 22.29 -12.32 -7.55
CA THR B 254 21.63 -12.35 -6.26
C THR B 254 20.92 -13.71 -6.08
N LEU B 255 20.13 -14.12 -7.07
CA LEU B 255 19.42 -15.40 -7.00
C LEU B 255 20.35 -16.56 -6.67
N VAL B 256 21.47 -16.66 -7.39
CA VAL B 256 22.46 -17.71 -7.16
C VAL B 256 23.20 -17.48 -5.82
N GLY B 257 23.64 -16.25 -5.58
CA GLY B 257 24.35 -15.96 -4.36
C GLY B 257 23.55 -16.26 -3.10
N VAL B 258 22.43 -15.56 -2.94
CA VAL B 258 21.57 -15.77 -1.78
C VAL B 258 21.11 -17.23 -1.71
N GLY B 259 20.89 -17.84 -2.87
CA GLY B 259 20.49 -19.23 -2.90
C GLY B 259 21.61 -20.02 -2.25
N ALA B 260 22.81 -19.86 -2.79
CA ALA B 260 23.99 -20.55 -2.26
C ALA B 260 24.09 -20.36 -0.74
N SER B 261 23.94 -19.13 -0.28
CA SER B 261 24.01 -18.84 1.15
C SER B 261 22.96 -19.59 1.94
N LEU B 262 21.86 -19.95 1.29
CA LEU B 262 20.80 -20.66 1.97
C LEU B 262 20.87 -22.17 1.77
N GLY B 263 22.03 -22.63 1.32
CA GLY B 263 22.23 -24.05 1.11
C GLY B 263 21.49 -24.64 -0.07
N LEU B 264 21.30 -23.86 -1.13
CA LEU B 264 20.61 -24.37 -2.31
C LEU B 264 21.45 -24.16 -3.55
N ARG B 265 21.73 -25.27 -4.24
CA ARG B 265 22.50 -25.22 -5.47
C ARG B 265 21.61 -24.51 -6.49
N VAL B 266 22.04 -23.32 -6.92
CA VAL B 266 21.25 -22.55 -7.88
C VAL B 266 22.08 -22.03 -9.04
N ALA B 267 21.56 -22.18 -10.25
CA ALA B 267 22.21 -21.70 -11.46
C ALA B 267 21.14 -20.82 -12.11
N ALA B 268 21.57 -19.72 -12.72
CA ALA B 268 20.63 -18.82 -13.36
C ALA B 268 21.00 -18.50 -14.79
N ALA B 269 20.03 -18.68 -15.69
CA ALA B 269 20.24 -18.39 -17.11
C ALA B 269 19.68 -17.01 -17.41
N LEU B 270 20.27 -16.34 -18.40
CA LEU B 270 19.82 -15.03 -18.82
C LEU B 270 19.32 -15.20 -20.24
N THR B 271 18.03 -14.95 -20.45
CA THR B 271 17.46 -15.11 -21.77
C THR B 271 16.71 -13.89 -22.26
N ALA B 272 16.68 -13.72 -23.57
CA ALA B 272 16.02 -12.59 -24.22
C ALA B 272 14.49 -12.65 -24.15
N MET B 273 13.88 -11.48 -24.01
CA MET B 273 12.44 -11.36 -23.93
C MET B 273 12.01 -10.10 -24.66
N ASP B 274 12.75 -9.74 -25.71
CA ASP B 274 12.42 -8.57 -26.52
C ASP B 274 11.22 -8.99 -27.33
N LYS B 275 11.24 -10.24 -27.76
CA LYS B 275 10.16 -10.79 -28.55
C LYS B 275 9.54 -11.93 -27.75
N PRO B 276 8.33 -12.34 -28.13
CA PRO B 276 7.62 -13.43 -27.43
C PRO B 276 8.29 -14.80 -27.61
N LEU B 277 8.30 -15.57 -26.54
CA LEU B 277 8.86 -16.92 -26.63
C LEU B 277 7.75 -17.72 -27.34
N GLY B 278 8.04 -18.19 -28.54
CA GLY B 278 7.07 -18.95 -29.28
C GLY B 278 6.24 -18.07 -30.20
N ARG B 279 5.09 -18.57 -30.62
CA ARG B 279 4.21 -17.83 -31.50
C ARG B 279 2.83 -17.62 -30.87
N CYS B 280 2.61 -18.24 -29.72
CA CYS B 280 1.33 -18.12 -29.04
C CYS B 280 1.46 -17.49 -27.67
N VAL B 281 0.72 -16.40 -27.48
CA VAL B 281 0.73 -15.69 -26.20
C VAL B 281 -0.67 -15.70 -25.61
N GLY B 282 -0.77 -16.10 -24.33
CA GLY B 282 -2.05 -16.15 -23.67
C GLY B 282 -2.06 -17.23 -22.60
N HIS B 283 -3.13 -18.00 -22.53
CA HIS B 283 -3.20 -19.05 -21.53
C HIS B 283 -3.55 -20.39 -22.18
N ALA B 284 -4.80 -20.54 -22.62
CA ALA B 284 -5.22 -21.77 -23.28
C ALA B 284 -4.34 -22.00 -24.51
N LEU B 285 -4.00 -20.91 -25.19
CA LEU B 285 -3.15 -20.95 -26.38
C LEU B 285 -1.74 -21.39 -26.03
N GLU B 286 -1.22 -20.93 -24.90
CA GLU B 286 0.13 -21.31 -24.52
C GLU B 286 0.22 -22.81 -24.24
N VAL B 287 -0.88 -23.37 -23.74
CA VAL B 287 -0.92 -24.81 -23.45
C VAL B 287 -0.85 -25.61 -24.76
N GLU B 288 -1.48 -25.11 -25.81
CA GLU B 288 -1.47 -25.79 -27.12
C GLU B 288 -0.06 -25.83 -27.71
N GLU B 289 0.58 -24.66 -27.79
CA GLU B 289 1.94 -24.57 -28.33
C GLU B 289 2.88 -25.42 -27.48
N ALA B 290 2.60 -25.50 -26.18
CA ALA B 290 3.43 -26.29 -25.29
C ALA B 290 3.29 -27.77 -25.66
N LEU B 291 2.05 -28.23 -25.79
CA LEU B 291 1.79 -29.63 -26.18
C LEU B 291 2.44 -29.96 -27.54
N LEU B 292 2.45 -28.98 -28.44
CA LEU B 292 3.04 -29.17 -29.77
C LEU B 292 4.54 -29.42 -29.61
N CYS B 293 5.14 -28.68 -28.67
CA CYS B 293 6.56 -28.82 -28.38
C CYS B 293 6.82 -30.21 -27.81
N MET B 294 5.91 -30.69 -26.96
CA MET B 294 6.04 -32.03 -26.36
C MET B 294 5.65 -33.09 -27.39
N ASP B 295 5.34 -32.65 -28.60
CA ASP B 295 4.97 -33.52 -29.70
C ASP B 295 6.20 -33.67 -30.57
N GLY B 296 7.27 -33.00 -30.18
CA GLY B 296 8.50 -33.05 -30.95
C GLY B 296 8.52 -31.96 -32.00
N ALA B 297 7.49 -31.11 -31.99
CA ALA B 297 7.38 -30.04 -32.96
C ALA B 297 7.44 -28.66 -32.31
N GLY B 298 6.78 -27.70 -32.95
CA GLY B 298 6.74 -26.36 -32.42
C GLY B 298 7.85 -25.45 -32.88
N PRO B 299 7.94 -24.24 -32.29
CA PRO B 299 8.96 -23.26 -32.64
C PRO B 299 10.32 -23.54 -31.98
N PRO B 300 11.41 -23.23 -32.70
CA PRO B 300 12.77 -23.46 -32.19
C PRO B 300 12.90 -22.72 -30.86
N ASP B 301 12.37 -21.51 -30.84
CA ASP B 301 12.33 -20.63 -29.68
C ASP B 301 12.16 -21.46 -28.42
N LEU B 302 10.95 -22.00 -28.29
CA LEU B 302 10.54 -22.81 -27.16
C LEU B 302 11.45 -23.99 -26.88
N ARG B 303 11.48 -24.94 -27.81
CA ARG B 303 12.30 -26.15 -27.68
C ARG B 303 13.73 -25.84 -27.26
N ASP B 304 14.35 -24.91 -27.99
CA ASP B 304 15.73 -24.50 -27.71
C ASP B 304 15.93 -24.12 -26.25
N LEU B 305 15.00 -23.33 -25.74
CA LEU B 305 15.07 -22.87 -24.37
C LEU B 305 14.80 -24.00 -23.38
N VAL B 306 13.86 -24.88 -23.72
CA VAL B 306 13.52 -25.99 -22.84
C VAL B 306 14.65 -27.02 -22.74
N THR B 307 15.39 -27.20 -23.83
CA THR B 307 16.49 -28.16 -23.83
C THR B 307 17.72 -27.57 -23.11
N THR B 308 17.97 -26.28 -23.36
CA THR B 308 19.11 -25.62 -22.74
C THR B 308 19.01 -25.56 -21.21
N LEU B 309 17.93 -24.99 -20.70
CA LEU B 309 17.73 -24.90 -19.24
C LEU B 309 17.64 -26.29 -18.60
N GLY B 310 16.98 -27.20 -19.30
CA GLY B 310 16.84 -28.55 -18.77
C GLY B 310 18.23 -29.15 -18.71
N GLY B 311 19.01 -28.90 -19.77
CA GLY B 311 20.35 -29.41 -19.81
C GLY B 311 21.12 -28.92 -18.60
N ALA B 312 21.02 -27.61 -18.35
CA ALA B 312 21.69 -26.99 -17.22
C ALA B 312 21.22 -27.58 -15.90
N LEU B 313 19.95 -27.98 -15.84
CA LEU B 313 19.39 -28.52 -14.61
C LEU B 313 19.95 -29.89 -14.27
N LEU B 314 19.89 -30.80 -15.24
CA LEU B 314 20.38 -32.16 -15.07
C LEU B 314 21.85 -32.16 -14.74
N TRP B 315 22.58 -31.19 -15.33
CA TRP B 315 23.99 -31.10 -15.04
C TRP B 315 24.13 -30.64 -13.56
N LEU B 316 23.51 -29.49 -13.27
CA LEU B 316 23.54 -28.89 -11.95
C LEU B 316 23.30 -29.90 -10.85
N SER B 317 22.31 -30.76 -11.05
CA SER B 317 21.96 -31.75 -10.03
C SER B 317 22.79 -33.03 -10.09
N GLY B 318 23.68 -33.11 -11.07
CA GLY B 318 24.54 -34.27 -11.18
C GLY B 318 23.99 -35.49 -11.91
N HIS B 319 22.84 -35.35 -12.56
CA HIS B 319 22.25 -36.46 -13.30
C HIS B 319 22.74 -36.42 -14.74
N ALA B 320 23.79 -35.67 -14.98
CA ALA B 320 24.38 -35.55 -16.31
C ALA B 320 25.80 -35.01 -16.16
N GLY B 321 26.74 -35.69 -16.80
CA GLY B 321 28.14 -35.29 -16.73
C GLY B 321 28.38 -33.90 -17.27
N THR B 322 27.70 -33.55 -18.36
CA THR B 322 27.84 -32.22 -18.93
C THR B 322 26.47 -31.64 -19.22
N GLN B 323 26.47 -30.40 -19.68
CA GLN B 323 25.25 -29.68 -20.00
C GLN B 323 24.64 -30.12 -21.34
N ALA B 324 25.50 -30.42 -22.32
CA ALA B 324 25.04 -30.85 -23.63
C ALA B 324 24.36 -32.22 -23.58
N GLN B 325 24.83 -33.08 -22.68
CA GLN B 325 24.23 -34.41 -22.53
C GLN B 325 22.83 -34.25 -21.95
N GLY B 326 22.69 -33.30 -21.01
CA GLY B 326 21.40 -33.06 -20.39
C GLY B 326 20.43 -32.51 -21.41
N ALA B 327 20.89 -31.52 -22.17
CA ALA B 327 20.08 -30.90 -23.20
C ALA B 327 19.62 -31.98 -24.16
N ALA B 328 20.43 -33.02 -24.28
CA ALA B 328 20.14 -34.13 -25.17
C ALA B 328 19.05 -35.04 -24.61
N ARG B 329 19.22 -35.47 -23.36
CA ARG B 329 18.22 -36.34 -22.75
C ARG B 329 16.88 -35.62 -22.70
N VAL B 330 16.92 -34.33 -22.35
CA VAL B 330 15.69 -33.54 -22.28
C VAL B 330 15.04 -33.47 -23.65
N ALA B 331 15.83 -33.19 -24.68
CA ALA B 331 15.30 -33.11 -26.04
C ALA B 331 14.72 -34.46 -26.47
N ALA B 332 15.41 -35.54 -26.08
CA ALA B 332 14.94 -36.87 -26.45
C ALA B 332 13.55 -37.06 -25.88
N ALA B 333 13.38 -36.69 -24.60
CA ALA B 333 12.11 -36.82 -23.91
C ALA B 333 10.99 -36.09 -24.64
N LEU B 334 11.34 -35.09 -25.42
CA LEU B 334 10.36 -34.31 -26.16
C LEU B 334 9.73 -35.18 -27.18
N ASP B 335 10.44 -36.19 -27.54
CA ASP B 335 9.92 -37.08 -28.51
C ASP B 335 9.73 -38.46 -27.95
N ASP B 336 10.86 -38.92 -27.38
CA ASP B 336 11.05 -40.29 -26.85
C ASP B 336 11.32 -40.38 -25.35
N GLY B 337 10.56 -41.19 -24.63
CA GLY B 337 10.65 -41.29 -23.19
C GLY B 337 9.38 -40.64 -22.65
N SER B 338 8.90 -39.79 -23.54
CA SER B 338 7.63 -39.13 -23.41
C SER B 338 7.45 -38.05 -22.34
N ALA B 339 7.67 -36.74 -22.59
CA ALA B 339 7.36 -35.79 -21.51
C ALA B 339 5.88 -35.49 -21.61
N LEU B 340 5.40 -35.72 -22.84
CA LEU B 340 3.99 -35.54 -23.07
C LEU B 340 3.34 -36.61 -22.19
N GLY B 341 4.03 -37.74 -22.07
CA GLY B 341 3.51 -38.82 -21.26
C GLY B 341 3.45 -38.44 -19.79
N ARG B 342 4.43 -37.65 -19.36
CA ARG B 342 4.48 -37.22 -17.98
C ARG B 342 3.46 -36.12 -17.72
N PHE B 343 3.21 -35.32 -18.74
CA PHE B 343 2.25 -34.21 -18.61
C PHE B 343 0.85 -34.76 -18.40
N GLU B 344 0.51 -35.82 -19.13
CA GLU B 344 -0.81 -36.44 -19.02
C GLU B 344 -1.08 -36.92 -17.59
N ARG B 345 -0.12 -37.65 -17.02
CA ARG B 345 -0.25 -38.19 -15.67
C ARG B 345 -0.39 -37.06 -14.63
N MET B 346 0.31 -35.96 -14.87
CA MET B 346 0.26 -34.81 -13.97
C MET B 346 -1.12 -34.18 -14.03
N LEU B 347 -1.57 -33.90 -15.26
CA LEU B 347 -2.88 -33.30 -15.46
C LEU B 347 -3.96 -34.14 -14.76
N ALA B 348 -3.94 -35.45 -15.02
CA ALA B 348 -4.91 -36.34 -14.41
C ALA B 348 -4.78 -36.35 -12.90
N ALA B 349 -3.55 -36.50 -12.41
CA ALA B 349 -3.28 -36.52 -10.98
C ALA B 349 -3.63 -35.20 -10.30
N GLN B 350 -3.62 -34.10 -11.07
CA GLN B 350 -3.96 -32.79 -10.51
C GLN B 350 -5.39 -32.33 -10.75
N GLY B 351 -6.30 -33.30 -10.96
CA GLY B 351 -7.69 -32.96 -11.13
C GLY B 351 -8.31 -33.02 -12.51
N VAL B 352 -7.51 -32.97 -13.56
CA VAL B 352 -8.06 -33.00 -14.91
C VAL B 352 -8.63 -34.39 -15.20
N ASP B 353 -9.82 -34.41 -15.78
CA ASP B 353 -10.50 -35.66 -16.12
C ASP B 353 -9.53 -36.52 -16.94
N PRO B 354 -9.33 -37.78 -16.52
CA PRO B 354 -8.43 -38.72 -17.19
C PRO B 354 -8.64 -38.78 -18.70
N GLY B 355 -9.90 -38.81 -19.11
CA GLY B 355 -10.24 -38.87 -20.52
C GLY B 355 -9.77 -37.64 -21.23
N LEU B 356 -10.05 -36.47 -20.65
CA LEU B 356 -9.62 -35.22 -21.25
C LEU B 356 -8.09 -35.19 -21.33
N ALA B 357 -7.45 -35.62 -20.25
CA ALA B 357 -5.99 -35.65 -20.21
C ALA B 357 -5.43 -36.42 -21.40
N ARG B 358 -5.94 -37.63 -21.62
CA ARG B 358 -5.48 -38.47 -22.73
C ARG B 358 -5.89 -37.79 -24.04
N ALA B 359 -7.04 -37.14 -24.01
CA ALA B 359 -7.52 -36.47 -25.20
C ALA B 359 -6.51 -35.42 -25.63
N LEU B 360 -6.16 -34.54 -24.70
CA LEU B 360 -5.19 -33.49 -24.98
C LEU B 360 -3.85 -34.00 -25.50
N CYS B 361 -3.44 -35.15 -24.99
CA CYS B 361 -2.17 -35.75 -25.40
C CYS B 361 -2.20 -36.31 -26.81
N SER B 362 -3.09 -37.27 -27.04
CA SER B 362 -3.19 -37.88 -28.36
C SER B 362 -3.83 -36.95 -29.38
N GLY B 363 -4.59 -35.97 -28.89
CA GLY B 363 -5.22 -35.03 -29.79
C GLY B 363 -4.21 -34.18 -30.54
N SER B 364 -4.58 -33.78 -31.75
CA SER B 364 -3.71 -32.94 -32.58
C SER B 364 -4.07 -31.49 -32.32
N PRO B 365 -3.30 -30.53 -32.86
CA PRO B 365 -3.60 -29.12 -32.65
C PRO B 365 -5.09 -28.77 -32.70
N ALA B 366 -5.70 -29.01 -33.86
CA ALA B 366 -7.11 -28.74 -34.07
C ALA B 366 -7.98 -29.36 -32.96
N GLU B 367 -7.69 -30.62 -32.63
CA GLU B 367 -8.44 -31.31 -31.59
C GLU B 367 -8.14 -30.70 -30.23
N ARG B 368 -6.88 -30.30 -30.05
CA ARG B 368 -6.43 -29.69 -28.80
C ARG B 368 -7.21 -28.39 -28.54
N ARG B 369 -7.34 -27.57 -29.57
CA ARG B 369 -8.07 -26.31 -29.46
C ARG B 369 -9.52 -26.54 -29.03
N GLN B 370 -10.18 -27.48 -29.67
CA GLN B 370 -11.58 -27.76 -29.33
C GLN B 370 -11.74 -28.22 -27.89
N LEU B 371 -10.68 -28.79 -27.32
CA LEU B 371 -10.75 -29.27 -25.94
C LEU B 371 -10.48 -28.17 -24.93
N LEU B 372 -9.88 -27.07 -25.38
CA LEU B 372 -9.54 -25.95 -24.50
C LEU B 372 -10.41 -24.73 -24.74
N PRO B 373 -10.43 -23.80 -23.79
CA PRO B 373 -11.24 -22.59 -23.91
C PRO B 373 -10.76 -21.76 -25.09
N ARG B 374 -11.68 -21.34 -25.94
CA ARG B 374 -11.33 -20.54 -27.10
C ARG B 374 -11.94 -19.16 -26.93
N ALA B 375 -11.24 -18.14 -27.39
CA ALA B 375 -11.73 -16.78 -27.31
C ALA B 375 -13.02 -16.73 -28.13
N ARG B 376 -13.91 -15.80 -27.81
CA ARG B 376 -15.18 -15.70 -28.53
C ARG B 376 -14.95 -15.42 -30.01
N GLU B 377 -14.15 -14.40 -30.31
CA GLU B 377 -13.87 -14.02 -31.69
C GLU B 377 -12.38 -14.03 -32.02
N GLN B 378 -12.05 -13.70 -33.27
CA GLN B 378 -10.67 -13.66 -33.74
C GLN B 378 -10.50 -12.46 -34.64
N GLU B 379 -9.51 -11.62 -34.32
CA GLU B 379 -9.25 -10.44 -35.11
C GLU B 379 -7.79 -10.54 -35.60
N GLU B 380 -7.57 -10.31 -36.88
CA GLU B 380 -6.22 -10.37 -37.45
C GLU B 380 -5.74 -9.01 -37.88
N LEU B 381 -4.43 -8.77 -37.75
CA LEU B 381 -3.85 -7.51 -38.14
C LEU B 381 -3.07 -7.74 -39.42
N LEU B 382 -3.09 -6.77 -40.32
CA LEU B 382 -2.38 -6.90 -41.59
C LEU B 382 -1.15 -6.01 -41.61
N ALA B 383 -0.07 -6.54 -42.17
CA ALA B 383 1.20 -5.82 -42.29
C ALA B 383 0.97 -4.41 -42.82
N PRO B 384 1.30 -3.39 -42.02
CA PRO B 384 1.12 -2.00 -42.44
C PRO B 384 1.98 -1.61 -43.64
N ALA B 385 2.92 -2.48 -44.01
CA ALA B 385 3.79 -2.20 -45.14
C ALA B 385 4.75 -3.35 -45.45
N ASP B 386 5.43 -3.25 -46.59
CA ASP B 386 6.40 -4.25 -47.01
C ASP B 386 7.61 -4.16 -46.09
N GLY B 387 8.42 -5.22 -46.07
CA GLY B 387 9.61 -5.18 -45.23
C GLY B 387 9.94 -6.48 -44.55
N THR B 388 11.06 -6.49 -43.83
CA THR B 388 11.52 -7.67 -43.12
C THR B 388 11.19 -7.53 -41.65
N VAL B 389 10.61 -8.58 -41.08
CA VAL B 389 10.24 -8.58 -39.66
C VAL B 389 11.49 -8.66 -38.80
N GLU B 390 11.89 -7.51 -38.28
CA GLU B 390 13.06 -7.37 -37.43
C GLU B 390 12.74 -7.78 -36.00
N LEU B 391 11.48 -7.63 -35.63
CA LEU B 391 11.06 -7.97 -34.28
C LEU B 391 9.55 -7.81 -34.06
N VAL B 392 9.04 -8.58 -33.11
CA VAL B 392 7.67 -8.54 -32.70
C VAL B 392 7.79 -8.15 -31.26
N ARG B 393 7.69 -6.87 -30.94
CA ARG B 393 7.84 -6.42 -29.57
C ARG B 393 6.87 -7.09 -28.59
N ALA B 394 7.41 -7.88 -27.68
CA ALA B 394 6.60 -8.59 -26.69
C ALA B 394 5.80 -7.70 -25.74
N LEU B 395 6.43 -6.69 -25.17
CA LEU B 395 5.75 -5.81 -24.22
C LEU B 395 4.42 -5.21 -24.75
N PRO B 396 4.46 -4.51 -25.88
CA PRO B 396 3.20 -3.93 -26.39
C PRO B 396 2.14 -5.02 -26.49
N LEU B 397 2.58 -6.22 -26.88
CA LEU B 397 1.69 -7.35 -27.03
C LEU B 397 1.04 -7.74 -25.71
N ALA B 398 1.87 -7.89 -24.69
CA ALA B 398 1.40 -8.28 -23.37
C ALA B 398 0.43 -7.23 -22.86
N LEU B 399 0.86 -5.98 -22.89
CA LEU B 399 0.03 -4.88 -22.44
C LEU B 399 -1.39 -4.95 -23.01
N VAL B 400 -1.52 -5.05 -24.32
CA VAL B 400 -2.83 -5.09 -24.95
C VAL B 400 -3.59 -6.38 -24.59
N LEU B 401 -2.94 -7.53 -24.72
CA LEU B 401 -3.59 -8.79 -24.37
C LEU B 401 -4.09 -8.67 -22.94
N HIS B 402 -3.26 -8.02 -22.11
CA HIS B 402 -3.55 -7.79 -20.71
C HIS B 402 -4.90 -7.10 -20.53
N GLU B 403 -5.11 -6.00 -21.25
CA GLU B 403 -6.37 -5.30 -21.07
C GLU B 403 -7.58 -5.95 -21.74
N LEU B 404 -7.36 -7.04 -22.47
CA LEU B 404 -8.43 -7.75 -23.12
C LEU B 404 -8.87 -8.89 -22.19
N GLY B 405 -8.31 -8.92 -20.98
CA GLY B 405 -8.66 -9.95 -20.02
C GLY B 405 -7.60 -10.99 -19.74
N ALA B 406 -6.41 -10.80 -20.30
CA ALA B 406 -5.34 -11.75 -20.10
C ALA B 406 -4.52 -11.42 -18.85
N GLY B 407 -4.71 -10.23 -18.30
CA GLY B 407 -3.99 -9.82 -17.11
C GLY B 407 -4.87 -9.31 -15.99
N ARG B 408 -4.35 -9.34 -14.77
CA ARG B 408 -5.10 -8.87 -13.61
C ARG B 408 -4.89 -7.40 -13.34
N SER B 409 -5.90 -6.76 -12.73
CA SER B 409 -5.81 -5.35 -12.38
C SER B 409 -6.15 -5.16 -10.90
N ARG B 410 -6.59 -6.24 -10.29
CA ARG B 410 -6.96 -6.28 -8.90
C ARG B 410 -6.42 -7.59 -8.29
N ALA B 411 -7.04 -8.11 -7.26
CA ALA B 411 -6.42 -9.27 -6.63
C ALA B 411 -6.59 -10.59 -7.38
N GLY B 412 -7.64 -11.33 -7.04
CA GLY B 412 -7.93 -12.59 -7.70
C GLY B 412 -8.75 -12.42 -8.95
N GLU B 413 -8.82 -11.19 -9.44
CA GLU B 413 -9.59 -10.87 -10.64
C GLU B 413 -9.45 -11.94 -11.71
N PRO B 414 -10.56 -12.56 -12.07
CA PRO B 414 -10.55 -13.74 -12.95
C PRO B 414 -10.02 -13.40 -14.34
N LEU B 415 -9.33 -14.34 -14.98
CA LEU B 415 -8.82 -14.03 -16.32
C LEU B 415 -9.68 -14.68 -17.40
N ARG B 416 -9.61 -14.11 -18.60
CA ARG B 416 -10.33 -14.65 -19.73
C ARG B 416 -9.26 -15.52 -20.41
N LEU B 417 -9.15 -16.76 -19.92
CA LEU B 417 -8.16 -17.74 -20.37
C LEU B 417 -8.05 -18.09 -21.86
N GLY B 418 -9.07 -17.77 -22.65
CA GLY B 418 -9.02 -18.05 -24.07
C GLY B 418 -8.43 -16.86 -24.81
N VAL B 419 -8.35 -15.72 -24.11
CA VAL B 419 -7.80 -14.51 -24.69
C VAL B 419 -6.31 -14.64 -24.91
N GLY B 420 -5.84 -14.15 -26.04
CA GLY B 420 -4.42 -14.23 -26.34
C GLY B 420 -4.08 -13.78 -27.74
N ALA B 421 -2.93 -14.21 -28.23
CA ALA B 421 -2.51 -13.85 -29.59
C ALA B 421 -1.65 -14.92 -30.26
N GLU B 422 -1.76 -14.96 -31.58
CA GLU B 422 -1.00 -15.90 -32.42
C GLU B 422 -0.11 -15.10 -33.36
N LEU B 423 1.19 -15.30 -33.26
CA LEU B 423 2.10 -14.61 -34.15
C LEU B 423 2.02 -15.31 -35.51
N LEU B 424 1.35 -14.67 -36.47
CA LEU B 424 1.19 -15.26 -37.79
C LEU B 424 2.41 -14.99 -38.68
N VAL B 425 3.48 -14.48 -38.07
CA VAL B 425 4.70 -14.18 -38.80
C VAL B 425 5.87 -14.45 -37.88
N ASP B 426 7.00 -14.82 -38.46
CA ASP B 426 8.20 -15.09 -37.67
C ASP B 426 9.19 -13.97 -37.88
N VAL B 427 10.12 -13.83 -36.94
CA VAL B 427 11.13 -12.80 -37.04
C VAL B 427 12.13 -13.27 -38.09
N GLY B 428 12.60 -12.34 -38.92
CA GLY B 428 13.57 -12.68 -39.95
C GLY B 428 12.99 -12.71 -41.35
N GLN B 429 11.68 -12.94 -41.48
CA GLN B 429 11.04 -13.01 -42.78
C GLN B 429 10.57 -11.64 -43.30
N ARG B 430 10.38 -11.57 -44.61
CA ARG B 430 9.91 -10.34 -45.23
C ARG B 430 8.41 -10.49 -45.48
N LEU B 431 7.73 -9.39 -45.81
CA LEU B 431 6.29 -9.44 -46.07
C LEU B 431 5.79 -8.19 -46.80
N ARG B 432 4.59 -8.30 -47.36
CA ARG B 432 3.97 -7.21 -48.10
C ARG B 432 2.70 -6.68 -47.45
N ARG B 433 2.49 -5.37 -47.53
CA ARG B 433 1.31 -4.74 -46.93
C ARG B 433 0.01 -5.45 -47.30
N GLY B 434 -0.56 -6.11 -46.30
CA GLY B 434 -1.79 -6.84 -46.50
C GLY B 434 -1.71 -8.22 -45.87
N THR B 435 -0.50 -8.72 -45.71
CA THR B 435 -0.30 -10.04 -45.12
C THR B 435 -0.59 -9.99 -43.62
N PRO B 436 -1.60 -10.76 -43.17
CA PRO B 436 -1.90 -10.76 -41.74
C PRO B 436 -0.70 -11.24 -40.95
N TRP B 437 -0.24 -10.43 -39.99
CA TRP B 437 0.92 -10.78 -39.20
C TRP B 437 0.57 -11.24 -37.79
N LEU B 438 -0.63 -10.88 -37.33
CA LEU B 438 -1.03 -11.25 -35.97
C LEU B 438 -2.51 -11.61 -35.77
N ARG B 439 -2.74 -12.71 -35.06
CA ARG B 439 -4.12 -13.12 -34.78
C ARG B 439 -4.48 -12.92 -33.30
N VAL B 440 -5.37 -11.98 -33.04
CA VAL B 440 -5.80 -11.71 -31.67
C VAL B 440 -7.07 -12.44 -31.29
N HIS B 441 -6.99 -13.20 -30.19
CA HIS B 441 -8.13 -13.92 -29.66
C HIS B 441 -8.67 -13.10 -28.50
N ARG B 442 -9.84 -12.50 -28.72
CA ARG B 442 -10.48 -11.66 -27.73
C ARG B 442 -11.89 -12.19 -27.48
N ASP B 443 -12.49 -11.74 -26.39
CA ASP B 443 -13.83 -12.14 -26.04
C ASP B 443 -14.79 -10.97 -26.11
N GLY B 444 -14.26 -9.77 -25.94
CA GLY B 444 -15.09 -8.58 -25.95
C GLY B 444 -15.21 -7.92 -27.31
N PRO B 445 -15.31 -6.58 -27.34
CA PRO B 445 -15.43 -5.80 -28.56
C PRO B 445 -14.20 -5.97 -29.43
N ALA B 446 -14.28 -5.55 -30.68
CA ALA B 446 -13.14 -5.64 -31.58
C ALA B 446 -12.07 -4.75 -31.00
N LEU B 447 -10.83 -4.90 -31.45
CA LEU B 447 -9.73 -4.08 -30.98
C LEU B 447 -10.07 -2.61 -31.22
N SER B 448 -9.61 -1.73 -30.33
CA SER B 448 -9.89 -0.31 -30.47
C SER B 448 -8.75 0.39 -31.17
N GLY B 449 -8.92 1.68 -31.44
CA GLY B 449 -7.89 2.45 -32.11
C GLY B 449 -6.59 2.36 -31.34
N PRO B 450 -6.52 2.93 -30.14
CA PRO B 450 -5.26 2.83 -29.41
C PRO B 450 -4.76 1.38 -29.24
N GLN B 451 -5.66 0.42 -29.29
CA GLN B 451 -5.23 -0.98 -29.16
C GLN B 451 -4.55 -1.45 -30.45
N SER B 452 -5.15 -1.12 -31.59
CA SER B 452 -4.61 -1.50 -32.89
C SER B 452 -3.28 -0.82 -33.15
N ARG B 453 -3.21 0.47 -32.82
CA ARG B 453 -2.00 1.25 -33.00
C ARG B 453 -0.87 0.64 -32.19
N ALA B 454 -1.18 0.30 -30.94
CA ALA B 454 -0.20 -0.28 -30.04
C ALA B 454 0.39 -1.59 -30.57
N LEU B 455 -0.47 -2.43 -31.13
CA LEU B 455 -0.03 -3.71 -31.66
C LEU B 455 0.75 -3.54 -32.95
N GLN B 456 0.30 -2.61 -33.80
CA GLN B 456 1.00 -2.36 -35.05
C GLN B 456 2.42 -1.92 -34.71
N GLU B 457 2.54 -0.92 -33.84
CA GLU B 457 3.85 -0.41 -33.43
C GLU B 457 4.72 -1.50 -32.83
N ALA B 458 4.13 -2.68 -32.61
CA ALA B 458 4.88 -3.79 -32.05
C ALA B 458 5.65 -4.50 -33.16
N LEU B 459 5.13 -4.43 -34.38
CA LEU B 459 5.80 -5.05 -35.50
C LEU B 459 6.83 -4.07 -36.05
N VAL B 460 8.10 -4.46 -35.99
CA VAL B 460 9.17 -3.64 -36.48
C VAL B 460 9.68 -4.23 -37.80
N LEU B 461 9.48 -3.49 -38.88
CA LEU B 461 9.92 -3.92 -40.20
C LEU B 461 11.21 -3.20 -40.53
N SER B 462 12.20 -3.94 -41.00
CA SER B 462 13.48 -3.37 -41.38
C SER B 462 13.65 -3.53 -42.88
N ASP B 463 14.58 -2.78 -43.46
CA ASP B 463 14.83 -2.83 -44.89
C ASP B 463 15.84 -3.94 -45.22
N ARG B 464 16.42 -4.52 -44.18
CA ARG B 464 17.42 -5.57 -44.35
C ARG B 464 16.90 -6.78 -45.10
N ALA B 465 17.76 -7.78 -45.24
CA ALA B 465 17.42 -9.02 -45.93
C ALA B 465 16.98 -10.05 -44.90
N PRO B 466 16.18 -11.05 -45.33
CA PRO B 466 15.69 -12.10 -44.44
C PRO B 466 16.81 -12.77 -43.65
N PHE B 467 16.59 -12.96 -42.36
CA PHE B 467 17.59 -13.57 -41.52
C PHE B 467 16.95 -14.61 -40.62
N ALA B 468 17.79 -15.33 -39.89
CA ALA B 468 17.33 -16.35 -38.97
C ALA B 468 17.26 -15.79 -37.56
N ALA B 469 16.10 -15.95 -36.92
CA ALA B 469 15.90 -15.44 -35.57
C ALA B 469 16.87 -16.09 -34.59
N PRO B 470 17.59 -15.29 -33.80
CA PRO B 470 18.56 -15.79 -32.82
C PRO B 470 17.92 -16.64 -31.72
N SER B 471 18.75 -17.31 -30.94
CA SER B 471 18.26 -18.15 -29.85
C SER B 471 18.18 -17.35 -28.56
N PRO B 472 17.03 -17.40 -27.88
CA PRO B 472 16.77 -16.70 -26.63
C PRO B 472 17.95 -16.71 -25.65
N PHE B 473 18.43 -17.91 -25.33
CA PHE B 473 19.53 -18.07 -24.39
C PHE B 473 20.74 -17.18 -24.67
N ALA B 474 21.21 -16.51 -23.61
CA ALA B 474 22.35 -15.61 -23.70
C ALA B 474 23.56 -16.18 -22.95
N GLU B 475 23.40 -16.42 -21.64
CA GLU B 475 24.49 -16.97 -20.85
C GLU B 475 23.98 -17.67 -19.60
N LEU B 476 24.90 -18.31 -18.88
CA LEU B 476 24.56 -19.03 -17.66
C LEU B 476 25.45 -18.63 -16.49
N VAL B 477 24.85 -18.14 -15.41
CA VAL B 477 25.59 -17.74 -14.24
C VAL B 477 25.59 -18.93 -13.30
N LEU B 478 26.75 -19.24 -12.72
CA LEU B 478 26.87 -20.39 -11.82
C LEU B 478 27.11 -20.03 -10.36
N PRO B 479 26.84 -20.97 -9.44
CA PRO B 479 27.00 -20.81 -7.99
C PRO B 479 28.41 -20.66 -7.37
N PRO B 480 29.44 -21.27 -7.99
CA PRO B 480 30.77 -21.13 -7.40
C PRO B 480 31.39 -19.74 -7.61
N GLN B 481 30.78 -18.75 -7.15
N1 IUR C . -6.06 17.07 9.40
C2 IUR C . -6.67 16.57 8.22
O2 IUR C . -7.84 16.61 7.94
N3 IUR C . -5.77 15.95 7.32
C4 IUR C . -4.36 15.79 7.45
O4 IUR C . -3.71 15.23 6.58
C5 IUR C . -3.80 16.34 8.70
C6 IUR C . -4.68 16.96 9.63
I5 IUR C . -1.75 16.16 9.08
N1 IUR D . 8.40 -15.67 -10.20
C2 IUR D . 8.24 -15.66 -8.79
O2 IUR D . 7.93 -16.60 -8.10
N3 IUR D . 8.45 -14.40 -8.19
C4 IUR D . 8.79 -13.17 -8.81
O4 IUR D . 8.94 -12.15 -8.15
C5 IUR D . 8.95 -13.27 -10.28
C6 IUR D . 8.75 -14.51 -10.91
I5 IUR D . 9.45 -11.54 -11.36
#